data_4TXL
#
_entry.id   4TXL
#
_cell.length_a   95.850
_cell.length_b   108.530
_cell.length_c   118.670
_cell.angle_alpha   90.00
_cell.angle_beta   90.00
_cell.angle_gamma   90.00
#
_symmetry.space_group_name_H-M   'P 21 21 21'
#
loop_
_entity.id
_entity.type
_entity.pdbx_description
1 polymer 'Uridine phosphorylase'
2 non-polymer 'SULFATE ION'
3 non-polymer URACIL
4 water water
#
_entity_poly.entity_id   1
_entity_poly.type   'polypeptide(L)'
_entity_poly.pdbx_seq_one_letter_code
;MATVQPIVNSHLSELDEDVFHHFGFTTKSFDFKEKFGDVKFVCVCGSSGRIHNFAISMAKLAGLALPVENIAGSHARFVL
YKVDHILFADHGMGIPSALIMLHEVTKLLHYAGCKDVLFIRLGTSGGLGVKPGTIVLSDRCVNTKLEPYNELCILGKPVR
RQTIVDLNTVNELKKLSENLSLECSVVVGGTIAANDFYEEQGRLDGSICTFSKEEKLAFLQSAYEHGIRNMEMEGTAITS
HCYLTGHRAILVCVTAVNRLEGDQITISTDEFTLFAQRPGQLVGEYLKRNNGIIVR
;
_entity_poly.pdbx_strand_id   C,D,A,B
#
# COMPACT_ATOMS: atom_id res chain seq x y z
N ILE A 7 -41.53 -12.21 -3.69
CA ILE A 7 -41.19 -11.67 -5.01
C ILE A 7 -40.73 -12.78 -5.96
N VAL A 8 -41.63 -13.21 -6.83
CA VAL A 8 -41.36 -14.33 -7.71
C VAL A 8 -41.31 -13.92 -9.17
N ASN A 9 -40.28 -14.37 -9.89
CA ASN A 9 -40.17 -14.13 -11.32
C ASN A 9 -41.31 -14.81 -12.08
N SER A 10 -42.26 -14.00 -12.58
CA SER A 10 -43.46 -14.53 -13.20
C SER A 10 -43.20 -15.32 -14.49
N HIS A 11 -42.04 -15.09 -15.09
CA HIS A 11 -41.69 -15.77 -16.34
C HIS A 11 -41.44 -17.27 -16.14
N LEU A 12 -41.13 -17.67 -14.92
CA LEU A 12 -40.84 -19.08 -14.64
C LEU A 12 -42.08 -19.96 -14.86
N SER A 13 -43.26 -19.40 -14.63
CA SER A 13 -44.50 -20.15 -14.77
C SER A 13 -44.83 -20.42 -16.24
N GLU A 14 -44.18 -19.68 -17.14
CA GLU A 14 -44.41 -19.85 -18.57
C GLU A 14 -43.55 -20.98 -19.15
N LEU A 15 -42.67 -21.54 -18.31
CA LEU A 15 -41.81 -22.64 -18.73
C LEU A 15 -42.44 -24.00 -18.42
N ASP A 16 -42.52 -24.86 -19.43
CA ASP A 16 -42.97 -26.24 -19.22
C ASP A 16 -41.90 -27.02 -18.46
N GLU A 17 -40.65 -26.71 -18.77
CA GLU A 17 -39.50 -27.32 -18.12
C GLU A 17 -38.43 -26.26 -17.92
N ASP A 18 -37.83 -26.26 -16.74
CA ASP A 18 -36.76 -25.32 -16.43
C ASP A 18 -35.45 -26.10 -16.30
N VAL A 19 -34.51 -25.79 -17.19
CA VAL A 19 -33.22 -26.45 -17.18
C VAL A 19 -32.23 -25.70 -16.29
N PHE A 20 -31.70 -26.37 -15.26
CA PHE A 20 -30.64 -25.80 -14.44
C PHE A 20 -29.30 -26.13 -15.09
N HIS A 21 -28.90 -25.30 -16.05
CA HIS A 21 -27.76 -25.58 -16.92
C HIS A 21 -26.47 -25.94 -16.17
N HIS A 22 -26.16 -25.22 -15.10
CA HIS A 22 -24.87 -25.39 -14.45
C HIS A 22 -24.90 -26.50 -13.40
N PHE A 23 -26.09 -27.04 -13.11
CA PHE A 23 -26.20 -28.20 -12.23
C PHE A 23 -26.55 -29.46 -13.01
N GLY A 24 -26.87 -29.31 -14.29
CA GLY A 24 -27.06 -30.46 -15.14
C GLY A 24 -28.30 -31.29 -14.87
N PHE A 25 -29.36 -30.66 -14.36
CA PHE A 25 -30.66 -31.33 -14.28
C PHE A 25 -31.77 -30.33 -14.57
N THR A 26 -33.02 -30.80 -14.58
CA THR A 26 -34.16 -29.93 -14.87
C THR A 26 -35.28 -30.19 -13.87
N THR A 27 -36.35 -29.41 -13.95
CA THR A 27 -37.50 -29.60 -13.08
C THR A 27 -38.23 -30.93 -13.37
N LYS A 28 -37.92 -31.54 -14.50
CA LYS A 28 -38.50 -32.84 -14.86
C LYS A 28 -37.64 -33.99 -14.37
N SER A 29 -36.49 -33.67 -13.79
CA SER A 29 -35.52 -34.67 -13.33
C SER A 29 -35.95 -35.30 -11.99
N PHE A 30 -36.57 -34.51 -11.13
CA PHE A 30 -37.10 -35.00 -9.86
C PHE A 30 -38.43 -34.35 -9.53
N ASP A 31 -39.08 -34.86 -8.49
CA ASP A 31 -40.18 -34.17 -7.82
C ASP A 31 -39.54 -33.24 -6.80
N PHE A 32 -39.45 -31.95 -7.13
CA PHE A 32 -38.68 -31.01 -6.33
C PHE A 32 -39.25 -30.82 -4.92
N LYS A 33 -40.58 -30.78 -4.81
CA LYS A 33 -41.21 -30.65 -3.51
C LYS A 33 -40.88 -31.86 -2.66
N GLU A 34 -40.97 -33.05 -3.25
CA GLU A 34 -40.67 -34.28 -2.54
C GLU A 34 -39.19 -34.38 -2.17
N LYS A 35 -38.32 -34.02 -3.12
CA LYS A 35 -36.88 -34.20 -2.95
C LYS A 35 -36.22 -33.09 -2.10
N PHE A 36 -36.67 -31.84 -2.28
CA PHE A 36 -35.97 -30.71 -1.65
C PHE A 36 -36.83 -29.94 -0.63
N GLY A 37 -38.08 -30.33 -0.48
CA GLY A 37 -39.03 -29.56 0.32
C GLY A 37 -38.67 -29.28 1.78
N ASP A 38 -37.82 -30.11 2.36
CA ASP A 38 -37.48 -30.00 3.78
C ASP A 38 -36.18 -29.24 4.02
N VAL A 39 -35.60 -28.67 2.95
CA VAL A 39 -34.34 -27.94 3.09
C VAL A 39 -34.55 -26.61 3.82
N LYS A 40 -33.71 -26.33 4.80
CA LYS A 40 -33.75 -25.06 5.52
C LYS A 40 -32.38 -24.40 5.59
N PHE A 41 -31.37 -25.08 5.06
CA PHE A 41 -30.00 -24.57 5.05
C PHE A 41 -29.32 -24.88 3.73
N VAL A 42 -28.52 -23.95 3.24
CA VAL A 42 -27.68 -24.21 2.08
C VAL A 42 -26.25 -23.81 2.41
N CYS A 43 -25.36 -24.79 2.50
CA CYS A 43 -23.96 -24.52 2.77
C CYS A 43 -23.19 -24.46 1.45
N VAL A 44 -22.43 -23.38 1.24
CA VAL A 44 -21.72 -23.20 0.00
C VAL A 44 -20.26 -22.80 0.23
N CYS A 45 -19.39 -23.13 -0.72
CA CYS A 45 -18.03 -22.59 -0.71
C CYS A 45 -17.41 -22.76 -2.09
N GLY A 46 -16.20 -22.22 -2.27
CA GLY A 46 -15.58 -22.20 -3.59
C GLY A 46 -15.03 -23.52 -4.07
N SER A 47 -14.96 -24.50 -3.17
CA SER A 47 -14.30 -25.77 -3.50
C SER A 47 -15.27 -26.95 -3.46
N SER A 48 -15.35 -27.68 -4.57
CA SER A 48 -16.22 -28.84 -4.63
C SER A 48 -15.73 -29.93 -3.67
N GLY A 49 -14.42 -30.09 -3.58
CA GLY A 49 -13.84 -31.07 -2.68
C GLY A 49 -14.12 -30.76 -1.22
N ARG A 50 -14.02 -29.49 -0.85
CA ARG A 50 -14.22 -29.08 0.53
CA ARG A 50 -14.22 -29.13 0.54
C ARG A 50 -15.70 -29.20 0.94
N ILE A 51 -16.61 -28.82 0.05
CA ILE A 51 -18.02 -28.87 0.41
C ILE A 51 -18.51 -30.33 0.40
N HIS A 52 -17.88 -31.17 -0.41
CA HIS A 52 -18.18 -32.61 -0.41
C HIS A 52 -17.75 -33.23 0.92
N ASN A 53 -16.54 -32.91 1.37
CA ASN A 53 -16.05 -33.47 2.62
C ASN A 53 -16.88 -32.98 3.81
N PHE A 54 -17.37 -31.74 3.74
CA PHE A 54 -18.23 -31.21 4.80
C PHE A 54 -19.56 -31.94 4.83
N ALA A 55 -20.12 -32.19 3.65
CA ALA A 55 -21.37 -32.94 3.54
C ALA A 55 -21.23 -34.31 4.19
N ILE A 56 -20.10 -34.96 3.91
CA ILE A 56 -19.81 -36.26 4.50
C ILE A 56 -19.72 -36.14 6.03
N SER A 57 -19.05 -35.11 6.50
CA SER A 57 -18.92 -34.88 7.95
C SER A 57 -20.27 -34.68 8.61
N MET A 58 -21.17 -33.97 7.92
CA MET A 58 -22.51 -33.76 8.46
C MET A 58 -23.31 -35.06 8.46
N ALA A 59 -23.16 -35.86 7.41
CA ALA A 59 -23.85 -37.14 7.33
C ALA A 59 -23.44 -38.06 8.48
N LYS A 60 -22.18 -38.00 8.87
CA LYS A 60 -21.70 -38.82 9.97
C LYS A 60 -22.21 -38.30 11.31
N LEU A 61 -22.25 -36.98 11.48
CA LEU A 61 -22.89 -36.38 12.66
C LEU A 61 -24.35 -36.80 12.78
N ALA A 62 -25.01 -36.92 11.62
CA ALA A 62 -26.41 -37.32 11.57
C ALA A 62 -26.57 -38.82 11.80
N GLY A 63 -25.45 -39.53 11.90
CA GLY A 63 -25.49 -40.97 12.13
C GLY A 63 -26.04 -41.72 10.93
N LEU A 64 -25.83 -41.15 9.75
CA LEU A 64 -26.33 -41.73 8.51
C LEU A 64 -25.37 -42.77 7.97
N ALA A 65 -25.91 -43.78 7.28
CA ALA A 65 -25.08 -44.78 6.64
C ALA A 65 -25.56 -44.99 5.21
N LEU A 66 -25.54 -43.89 4.45
CA LEU A 66 -25.99 -43.86 3.08
C LEU A 66 -24.96 -43.08 2.26
N PRO A 67 -24.70 -43.53 1.03
CA PRO A 67 -23.78 -42.77 0.17
C PRO A 67 -24.26 -41.33 0.04
N VAL A 68 -23.33 -40.40 0.19
CA VAL A 68 -23.64 -39.00 -0.04
C VAL A 68 -23.39 -38.74 -1.52
N GLU A 69 -24.47 -38.78 -2.29
CA GLU A 69 -24.39 -38.78 -3.74
C GLU A 69 -24.52 -37.37 -4.33
N ASN A 70 -23.66 -37.07 -5.30
CA ASN A 70 -23.80 -35.84 -6.06
C ASN A 70 -25.08 -35.88 -6.88
N ILE A 71 -25.94 -34.89 -6.65
CA ILE A 71 -27.24 -34.79 -7.31
C ILE A 71 -27.11 -34.13 -8.69
N ALA A 72 -26.04 -33.36 -8.84
CA ALA A 72 -25.77 -32.68 -10.11
C ALA A 72 -25.41 -33.66 -11.21
N GLY A 73 -25.66 -33.25 -12.45
CA GLY A 73 -25.37 -34.07 -13.62
C GLY A 73 -23.87 -34.21 -13.88
N SER A 74 -23.52 -35.16 -14.75
CA SER A 74 -22.13 -35.53 -15.00
C SER A 74 -21.24 -34.39 -15.47
N HIS A 75 -21.78 -33.53 -16.33
CA HIS A 75 -20.99 -32.43 -16.91
C HIS A 75 -21.37 -31.09 -16.30
N ALA A 76 -21.92 -31.12 -15.09
CA ALA A 76 -22.30 -29.89 -14.42
C ALA A 76 -21.04 -29.13 -13.96
N ARG A 77 -21.17 -27.82 -13.85
CA ARG A 77 -20.09 -26.99 -13.32
C ARG A 77 -20.01 -27.10 -11.81
N PHE A 78 -21.16 -27.31 -11.19
CA PHE A 78 -21.28 -27.33 -9.73
C PHE A 78 -21.70 -28.70 -9.21
N VAL A 79 -21.34 -28.99 -7.98
CA VAL A 79 -21.84 -30.19 -7.30
C VAL A 79 -23.02 -29.81 -6.42
N LEU A 80 -23.84 -30.80 -6.09
CA LEU A 80 -24.96 -30.59 -5.18
C LEU A 80 -25.16 -31.83 -4.30
N TYR A 81 -25.13 -31.64 -2.98
CA TYR A 81 -25.40 -32.73 -2.06
C TYR A 81 -26.53 -32.37 -1.12
N LYS A 82 -27.24 -33.37 -0.62
CA LYS A 82 -28.24 -33.15 0.40
C LYS A 82 -28.03 -34.11 1.56
N VAL A 83 -27.98 -33.54 2.77
CA VAL A 83 -27.96 -34.36 3.98
C VAL A 83 -29.06 -33.85 4.91
N ASP A 84 -30.10 -34.65 5.06
CA ASP A 84 -31.28 -34.25 5.82
C ASP A 84 -31.76 -32.85 5.33
N HIS A 85 -31.79 -31.86 6.23
CA HIS A 85 -32.38 -30.56 5.87
C HIS A 85 -31.37 -29.56 5.30
N ILE A 86 -30.21 -30.06 4.86
CA ILE A 86 -29.15 -29.20 4.35
C ILE A 86 -28.79 -29.53 2.91
N LEU A 87 -28.72 -28.52 2.05
CA LEU A 87 -28.12 -28.64 0.72
C LEU A 87 -26.69 -28.14 0.75
N PHE A 88 -25.82 -28.80 -0.02
CA PHE A 88 -24.41 -28.40 -0.13
C PHE A 88 -24.07 -28.16 -1.60
N ALA A 89 -23.50 -26.99 -1.91
CA ALA A 89 -23.12 -26.69 -3.29
C ALA A 89 -21.83 -25.88 -3.33
N ASP A 90 -21.08 -26.00 -4.41
CA ASP A 90 -19.94 -25.09 -4.60
C ASP A 90 -20.31 -23.95 -5.52
N HIS A 91 -19.44 -22.94 -5.61
CA HIS A 91 -19.78 -21.74 -6.38
C HIS A 91 -18.59 -21.10 -7.08
N GLY A 92 -17.46 -21.80 -7.14
CA GLY A 92 -16.26 -21.26 -7.77
C GLY A 92 -15.79 -20.01 -7.05
N MET A 93 -15.09 -19.12 -7.76
CA MET A 93 -14.54 -17.92 -7.15
C MET A 93 -15.03 -16.67 -7.88
N GLY A 94 -15.50 -15.68 -7.12
CA GLY A 94 -15.94 -14.44 -7.71
C GLY A 94 -17.46 -14.27 -7.79
N ILE A 95 -17.90 -13.02 -7.76
CA ILE A 95 -19.31 -12.68 -7.77
C ILE A 95 -20.10 -13.27 -8.96
N PRO A 96 -19.56 -13.20 -10.19
CA PRO A 96 -20.35 -13.75 -11.32
C PRO A 96 -20.61 -15.26 -11.17
N SER A 97 -19.59 -16.01 -10.78
CA SER A 97 -19.75 -17.44 -10.54
C SER A 97 -20.76 -17.69 -9.41
N ALA A 98 -20.61 -16.98 -8.31
CA ALA A 98 -21.52 -17.10 -7.17
C ALA A 98 -22.96 -16.81 -7.58
N LEU A 99 -23.17 -15.80 -8.44
CA LEU A 99 -24.52 -15.46 -8.90
C LEU A 99 -25.17 -16.57 -9.72
N ILE A 100 -24.35 -17.31 -10.46
CA ILE A 100 -24.88 -18.44 -11.22
C ILE A 100 -25.45 -19.48 -10.26
N MET A 101 -24.67 -19.86 -9.25
CA MET A 101 -25.13 -20.77 -8.21
C MET A 101 -26.37 -20.22 -7.52
N LEU A 102 -26.34 -18.93 -7.15
CA LEU A 102 -27.43 -18.34 -6.40
C LEU A 102 -28.74 -18.38 -7.19
N HIS A 103 -28.68 -18.01 -8.47
CA HIS A 103 -29.88 -18.02 -9.29
C HIS A 103 -30.47 -19.43 -9.37
N GLU A 104 -29.63 -20.42 -9.63
CA GLU A 104 -30.14 -21.76 -9.87
C GLU A 104 -30.57 -22.42 -8.56
N VAL A 105 -29.81 -22.22 -7.48
CA VAL A 105 -30.26 -22.79 -6.20
C VAL A 105 -31.53 -22.13 -5.67
N THR A 106 -31.65 -20.80 -5.78
CA THR A 106 -32.86 -20.15 -5.25
C THR A 106 -34.08 -20.48 -6.12
N LYS A 107 -33.88 -20.80 -7.39
CA LYS A 107 -34.99 -21.28 -8.22
C LYS A 107 -35.41 -22.66 -7.74
N LEU A 108 -34.41 -23.50 -7.47
CA LEU A 108 -34.66 -24.85 -6.96
C LEU A 108 -35.48 -24.79 -5.67
N LEU A 109 -35.10 -23.89 -4.76
CA LEU A 109 -35.82 -23.72 -3.51
C LEU A 109 -37.25 -23.28 -3.75
N HIS A 110 -37.43 -22.41 -4.73
CA HIS A 110 -38.76 -21.92 -5.09
C HIS A 110 -39.67 -23.05 -5.58
N TYR A 111 -39.16 -23.86 -6.51
CA TYR A 111 -39.92 -24.97 -7.07
C TYR A 111 -40.28 -26.00 -5.99
N ALA A 112 -39.41 -26.10 -4.98
CA ALA A 112 -39.57 -27.09 -3.91
C ALA A 112 -40.44 -26.58 -2.76
N GLY A 113 -40.78 -25.29 -2.80
CA GLY A 113 -41.65 -24.71 -1.78
C GLY A 113 -40.94 -24.35 -0.50
N CYS A 114 -39.61 -24.31 -0.53
CA CYS A 114 -38.81 -23.93 0.64
C CYS A 114 -38.89 -22.43 0.92
N LYS A 115 -39.15 -22.08 2.17
CA LYS A 115 -39.25 -20.69 2.57
C LYS A 115 -38.21 -20.31 3.63
N ASP A 116 -37.67 -19.10 3.52
CA ASP A 116 -36.81 -18.53 4.55
C ASP A 116 -35.63 -19.44 4.89
N VAL A 117 -34.91 -19.83 3.85
CA VAL A 117 -33.77 -20.71 3.97
C VAL A 117 -32.54 -19.91 4.39
N LEU A 118 -31.66 -20.50 5.19
CA LEU A 118 -30.39 -19.84 5.53
C LEU A 118 -29.24 -20.35 4.66
N PHE A 119 -28.65 -19.43 3.89
CA PHE A 119 -27.44 -19.69 3.13
C PHE A 119 -26.21 -19.43 4.00
N ILE A 120 -25.28 -20.38 4.02
CA ILE A 120 -24.06 -20.23 4.79
C ILE A 120 -22.83 -20.40 3.89
N ARG A 121 -22.10 -19.32 3.67
CA ARG A 121 -20.87 -19.42 2.92
C ARG A 121 -19.71 -19.75 3.86
N LEU A 122 -19.04 -20.88 3.58
CA LEU A 122 -17.89 -21.36 4.34
C LEU A 122 -16.62 -21.08 3.55
N GLY A 123 -16.05 -19.90 3.68
CA GLY A 123 -15.00 -19.49 2.76
C GLY A 123 -13.60 -19.40 3.32
N THR A 124 -12.67 -19.03 2.46
CA THR A 124 -11.34 -18.60 2.89
C THR A 124 -11.20 -17.12 2.51
N SER A 125 -10.30 -16.42 3.18
CA SER A 125 -10.23 -14.98 3.05
C SER A 125 -8.87 -14.46 3.51
N GLY A 126 -8.56 -13.22 3.17
CA GLY A 126 -7.40 -12.56 3.72
C GLY A 126 -7.85 -11.80 4.96
N GLY A 127 -7.13 -11.95 6.06
CA GLY A 127 -7.50 -11.25 7.28
C GLY A 127 -6.86 -9.88 7.36
N LEU A 128 -7.47 -8.99 8.13
CA LEU A 128 -6.84 -7.70 8.41
C LEU A 128 -6.71 -7.52 9.91
N GLY A 129 -5.48 -7.57 10.42
CA GLY A 129 -5.25 -7.34 11.84
C GLY A 129 -5.69 -8.49 12.72
N VAL A 130 -5.85 -9.67 12.13
CA VAL A 130 -6.09 -10.89 12.89
C VAL A 130 -5.09 -11.97 12.46
N LYS A 131 -4.87 -12.95 13.31
CA LYS A 131 -3.90 -14.01 13.02
C LYS A 131 -4.44 -14.97 11.97
N PRO A 132 -3.55 -15.53 11.13
CA PRO A 132 -4.01 -16.56 10.19
C PRO A 132 -4.69 -17.72 10.92
N GLY A 133 -5.73 -18.28 10.32
CA GLY A 133 -6.45 -19.38 10.93
C GLY A 133 -7.62 -18.92 11.77
N THR A 134 -7.86 -17.62 11.80
CA THR A 134 -8.99 -17.03 12.52
C THR A 134 -10.27 -17.16 11.71
N ILE A 135 -11.36 -17.50 12.39
CA ILE A 135 -12.68 -17.47 11.77
C ILE A 135 -13.26 -16.08 11.93
N VAL A 136 -13.63 -15.46 10.82
CA VAL A 136 -14.33 -14.19 10.89
C VAL A 136 -15.79 -14.40 10.54
N LEU A 137 -16.67 -13.97 11.44
CA LEU A 137 -18.10 -13.95 11.16
C LEU A 137 -18.44 -12.56 10.65
N SER A 138 -18.82 -12.47 9.38
CA SER A 138 -19.16 -11.18 8.78
C SER A 138 -20.40 -10.54 9.43
N ASP A 139 -20.28 -9.30 9.92
CA ASP A 139 -21.49 -8.59 10.35
C ASP A 139 -21.89 -7.52 9.33
N ARG A 140 -21.10 -7.43 8.26
CA ARG A 140 -21.51 -6.71 7.06
C ARG A 140 -20.61 -7.12 5.89
N CYS A 141 -21.17 -7.05 4.69
CA CYS A 141 -20.45 -7.37 3.46
C CYS A 141 -20.46 -6.14 2.57
N VAL A 142 -19.29 -5.62 2.26
CA VAL A 142 -19.17 -4.38 1.51
C VAL A 142 -18.25 -4.51 0.30
N ASN A 143 -18.37 -3.58 -0.65
CA ASN A 143 -17.47 -3.62 -1.82
C ASN A 143 -16.15 -2.95 -1.46
N THR A 144 -15.26 -2.82 -2.43
CA THR A 144 -13.93 -2.25 -2.18
C THR A 144 -13.97 -0.76 -1.87
N LYS A 145 -15.14 -0.14 -2.04
CA LYS A 145 -15.33 1.24 -1.62
C LYS A 145 -15.99 1.28 -0.25
N LEU A 146 -16.12 0.10 0.36
CA LEU A 146 -16.70 -0.09 1.69
C LEU A 146 -18.21 0.24 1.72
N GLU A 147 -18.86 0.10 0.57
CA GLU A 147 -20.30 0.33 0.49
C GLU A 147 -21.04 -0.99 0.61
N PRO A 148 -22.11 -1.02 1.42
CA PRO A 148 -22.88 -2.26 1.66
C PRO A 148 -23.82 -2.57 0.50
N TYR A 149 -23.28 -2.72 -0.70
CA TYR A 149 -24.07 -2.94 -1.90
C TYR A 149 -23.39 -3.90 -2.87
N ASN A 150 -24.20 -4.61 -3.65
CA ASN A 150 -23.69 -5.32 -4.82
C ASN A 150 -24.09 -4.54 -6.06
N GLU A 151 -23.12 -4.25 -6.93
CA GLU A 151 -23.40 -3.52 -8.16
C GLU A 151 -23.62 -4.49 -9.31
N LEU A 152 -24.61 -4.17 -10.14
CA LEU A 152 -24.90 -4.97 -11.33
C LEU A 152 -25.13 -4.06 -12.51
N CYS A 153 -24.96 -4.59 -13.71
CA CYS A 153 -25.25 -3.85 -14.93
C CYS A 153 -26.27 -4.63 -15.73
N ILE A 154 -27.54 -4.23 -15.62
CA ILE A 154 -28.64 -5.02 -16.18
C ILE A 154 -29.27 -4.32 -17.38
N LEU A 155 -29.19 -5.00 -18.53
CA LEU A 155 -29.56 -4.42 -19.82
C LEU A 155 -28.77 -3.13 -20.03
N GLY A 156 -27.50 -3.15 -19.63
CA GLY A 156 -26.63 -2.01 -19.79
C GLY A 156 -26.85 -0.87 -18.81
N LYS A 157 -27.68 -1.09 -17.80
CA LYS A 157 -28.01 -0.03 -16.84
C LYS A 157 -27.55 -0.37 -15.43
N PRO A 158 -26.99 0.62 -14.72
CA PRO A 158 -26.44 0.38 -13.38
C PRO A 158 -27.53 0.11 -12.34
N VAL A 159 -27.35 -0.96 -11.57
CA VAL A 159 -28.30 -1.35 -10.54
C VAL A 159 -27.53 -1.68 -9.26
N ARG A 160 -28.03 -1.25 -8.10
CA ARG A 160 -27.39 -1.63 -6.85
C ARG A 160 -28.36 -2.36 -5.92
N ARG A 161 -27.85 -3.36 -5.23
CA ARG A 161 -28.66 -4.15 -4.30
C ARG A 161 -27.98 -4.25 -2.95
N GLN A 162 -28.70 -3.80 -1.91
CA GLN A 162 -28.14 -3.72 -0.56
C GLN A 162 -27.80 -5.09 -0.01
N THR A 163 -26.73 -5.14 0.77
CA THR A 163 -26.30 -6.39 1.39
C THR A 163 -26.86 -6.48 2.82
N ILE A 164 -27.40 -7.64 3.16
CA ILE A 164 -28.00 -7.88 4.47
C ILE A 164 -27.52 -9.19 5.08
N VAL A 165 -26.74 -9.11 6.15
CA VAL A 165 -26.29 -10.29 6.88
C VAL A 165 -27.30 -10.66 7.97
N ASP A 166 -27.54 -11.95 8.17
CA ASP A 166 -28.40 -12.43 9.26
C ASP A 166 -27.68 -12.31 10.59
N LEU A 167 -27.80 -11.13 11.22
CA LEU A 167 -27.04 -10.84 12.43
C LEU A 167 -27.45 -11.68 13.63
N ASN A 168 -28.72 -12.06 13.69
CA ASN A 168 -29.19 -12.95 14.75
C ASN A 168 -28.40 -14.26 14.74
N THR A 169 -28.25 -14.86 13.56
CA THR A 169 -27.51 -16.12 13.45
C THR A 169 -26.01 -15.90 13.72
N VAL A 170 -25.47 -14.79 13.26
CA VAL A 170 -24.08 -14.44 13.56
C VAL A 170 -23.84 -14.40 15.09
N ASN A 171 -24.72 -13.74 15.81
CA ASN A 171 -24.59 -13.64 17.26
C ASN A 171 -24.68 -15.01 17.93
N GLU A 172 -25.51 -15.88 17.38
CA GLU A 172 -25.66 -17.23 17.90
C GLU A 172 -24.40 -18.06 17.65
N LEU A 173 -23.76 -17.86 16.50
CA LEU A 173 -22.51 -18.55 16.18
C LEU A 173 -21.40 -18.09 17.09
N LYS A 174 -21.35 -16.77 17.33
CA LYS A 174 -20.38 -16.20 18.25
C LYS A 174 -20.54 -16.81 19.65
N LYS A 175 -21.78 -16.89 20.13
CA LYS A 175 -22.07 -17.44 21.45
C LYS A 175 -21.71 -18.93 21.51
N LEU A 176 -22.01 -19.65 20.43
CA LEU A 176 -21.68 -21.07 20.36
C LEU A 176 -20.17 -21.28 20.46
N SER A 177 -19.42 -20.43 19.74
CA SER A 177 -17.97 -20.52 19.71
C SER A 177 -17.37 -20.35 21.10
N GLU A 178 -17.99 -19.52 21.92
CA GLU A 178 -17.54 -19.27 23.29
C GLU A 178 -17.76 -20.50 24.16
N ASN A 179 -18.69 -21.36 23.77
CA ASN A 179 -18.99 -22.57 24.53
C ASN A 179 -18.31 -23.81 23.96
N LEU A 180 -17.57 -23.64 22.87
CA LEU A 180 -16.77 -24.72 22.33
C LEU A 180 -15.31 -24.49 22.68
N SER A 181 -14.46 -25.46 22.39
CA SER A 181 -13.04 -25.31 22.67
C SER A 181 -12.24 -25.24 21.39
N LEU A 182 -12.61 -24.29 20.52
CA LEU A 182 -11.95 -24.16 19.23
C LEU A 182 -10.48 -23.77 19.38
N GLU A 183 -9.66 -24.22 18.44
CA GLU A 183 -8.21 -23.99 18.47
C GLU A 183 -7.88 -22.66 17.79
N CYS A 184 -8.90 -21.88 17.50
CA CYS A 184 -8.75 -20.60 16.83
C CYS A 184 -9.58 -19.53 17.51
N SER A 185 -9.32 -18.28 17.17
CA SER A 185 -10.18 -17.19 17.59
C SER A 185 -11.35 -17.07 16.64
N VAL A 186 -12.47 -16.57 17.14
CA VAL A 186 -13.62 -16.27 16.31
C VAL A 186 -13.95 -14.79 16.48
N VAL A 187 -13.87 -14.05 15.38
CA VAL A 187 -14.04 -12.60 15.40
C VAL A 187 -15.25 -12.17 14.59
N VAL A 188 -16.04 -11.22 15.11
CA VAL A 188 -17.13 -10.64 14.33
C VAL A 188 -16.68 -9.31 13.75
N GLY A 189 -16.73 -9.17 12.44
CA GLY A 189 -16.29 -7.93 11.80
C GLY A 189 -16.72 -7.84 10.34
N GLY A 190 -16.35 -6.74 9.70
CA GLY A 190 -16.76 -6.48 8.33
C GLY A 190 -15.92 -7.22 7.30
N THR A 191 -16.49 -7.44 6.13
CA THR A 191 -15.85 -8.20 5.07
C THR A 191 -15.96 -7.51 3.71
N ILE A 192 -14.81 -7.19 3.12
CA ILE A 192 -14.77 -6.66 1.76
C ILE A 192 -14.84 -7.78 0.71
N ALA A 193 -15.70 -7.61 -0.28
CA ALA A 193 -15.70 -8.48 -1.45
C ALA A 193 -15.07 -7.75 -2.64
N ALA A 194 -14.08 -8.38 -3.26
CA ALA A 194 -13.38 -7.81 -4.41
C ALA A 194 -13.57 -8.67 -5.67
N ASN A 195 -13.39 -8.06 -6.84
CA ASN A 195 -13.58 -8.74 -8.13
C ASN A 195 -12.27 -9.26 -8.72
N ASP A 196 -11.32 -9.56 -7.84
CA ASP A 196 -10.00 -10.03 -8.21
C ASP A 196 -9.32 -10.49 -6.94
N PHE A 197 -8.31 -11.36 -7.08
CA PHE A 197 -7.53 -11.80 -5.94
C PHE A 197 -6.36 -10.86 -5.69
N TYR A 198 -5.88 -10.23 -6.77
CA TYR A 198 -4.64 -9.45 -6.68
C TYR A 198 -4.86 -7.94 -6.57
N GLU A 199 -5.04 -7.24 -7.69
CA GLU A 199 -5.02 -5.78 -7.67
C GLU A 199 -6.16 -5.15 -6.84
N GLU A 200 -7.37 -5.69 -6.95
CA GLU A 200 -8.49 -5.14 -6.19
C GLU A 200 -8.36 -5.41 -4.70
N GLN A 201 -7.52 -6.36 -4.33
CA GLN A 201 -7.34 -6.69 -2.93
C GLN A 201 -6.10 -5.98 -2.38
N GLY A 202 -5.49 -5.15 -3.22
CA GLY A 202 -4.36 -4.35 -2.81
C GLY A 202 -3.07 -5.16 -2.73
N ARG A 203 -3.01 -6.27 -3.46
CA ARG A 203 -1.80 -7.08 -3.49
C ARG A 203 -0.72 -6.46 -4.36
N LEU A 204 0.53 -6.53 -3.89
CA LEU A 204 1.67 -6.01 -4.63
C LEU A 204 2.25 -7.03 -5.61
N ASP A 205 1.83 -8.28 -5.47
CA ASP A 205 2.49 -9.41 -6.12
C ASP A 205 1.69 -10.06 -7.26
N GLY A 206 0.88 -9.26 -7.95
CA GLY A 206 0.19 -9.74 -9.13
C GLY A 206 1.11 -9.60 -10.34
N SER A 207 0.59 -9.90 -11.52
CA SER A 207 1.36 -9.70 -12.75
C SER A 207 1.35 -8.23 -13.15
N ILE A 208 0.42 -7.48 -12.56
CA ILE A 208 0.32 -6.05 -12.77
C ILE A 208 0.14 -5.38 -11.42
N CYS A 209 0.86 -4.28 -11.20
CA CYS A 209 0.66 -3.48 -10.00
C CYS A 209 0.94 -2.01 -10.30
N THR A 210 -0.07 -1.18 -10.06
CA THR A 210 0.03 0.24 -10.41
C THR A 210 0.14 1.13 -9.19
N PHE A 211 0.36 0.51 -8.02
CA PHE A 211 0.45 1.29 -6.80
C PHE A 211 1.64 0.88 -5.93
N SER A 212 1.93 1.70 -4.93
CA SER A 212 3.04 1.49 -4.01
C SER A 212 2.57 0.83 -2.72
N LYS A 213 3.51 0.40 -1.88
CA LYS A 213 3.14 -0.20 -0.61
C LYS A 213 2.49 0.84 0.31
N GLU A 214 2.87 2.10 0.14
CA GLU A 214 2.29 3.20 0.92
C GLU A 214 0.80 3.35 0.62
N GLU A 215 0.48 3.33 -0.67
CA GLU A 215 -0.92 3.43 -1.12
C GLU A 215 -1.73 2.20 -0.72
N LYS A 216 -1.12 1.04 -0.84
CA LYS A 216 -1.74 -0.20 -0.38
C LYS A 216 -2.07 -0.13 1.10
N LEU A 217 -1.11 0.35 1.89
CA LEU A 217 -1.26 0.47 3.33
C LEU A 217 -2.40 1.40 3.72
N ALA A 218 -2.50 2.52 3.01
CA ALA A 218 -3.55 3.51 3.29
C ALA A 218 -4.93 2.89 3.05
N PHE A 219 -5.03 2.12 1.98
CA PHE A 219 -6.26 1.41 1.62
C PHE A 219 -6.65 0.37 2.68
N LEU A 220 -5.72 -0.49 3.06
CA LEU A 220 -6.01 -1.54 4.03
C LEU A 220 -6.23 -1.02 5.46
N GLN A 221 -5.46 0.00 5.86
CA GLN A 221 -5.60 0.54 7.21
C GLN A 221 -6.94 1.25 7.35
N SER A 222 -7.33 1.99 6.31
CA SER A 222 -8.63 2.63 6.28
C SER A 222 -9.75 1.60 6.42
N ALA A 223 -9.62 0.48 5.71
CA ALA A 223 -10.61 -0.60 5.82
C ALA A 223 -10.68 -1.13 7.24
N TYR A 224 -9.52 -1.41 7.83
CA TYR A 224 -9.47 -1.88 9.21
C TYR A 224 -10.11 -0.88 10.16
N GLU A 225 -9.78 0.40 9.98
CA GLU A 225 -10.33 1.45 10.83
C GLU A 225 -11.84 1.56 10.70
N HIS A 226 -12.37 1.10 9.57
CA HIS A 226 -13.81 1.06 9.35
C HIS A 226 -14.40 -0.30 9.73
N GLY A 227 -13.66 -1.08 10.51
CA GLY A 227 -14.18 -2.33 11.04
C GLY A 227 -14.00 -3.56 10.18
N ILE A 228 -13.33 -3.44 9.05
CA ILE A 228 -13.11 -4.58 8.17
C ILE A 228 -12.04 -5.50 8.77
N ARG A 229 -12.34 -6.80 8.83
CA ARG A 229 -11.40 -7.76 9.41
C ARG A 229 -11.03 -8.87 8.44
N ASN A 230 -11.75 -9.00 7.32
CA ASN A 230 -11.28 -9.88 6.26
C ASN A 230 -11.75 -9.49 4.86
N MET A 231 -11.26 -10.22 3.87
CA MET A 231 -11.45 -9.86 2.48
C MET A 231 -11.53 -11.09 1.60
N GLU A 232 -12.58 -11.17 0.78
CA GLU A 232 -12.77 -12.32 -0.10
C GLU A 232 -13.45 -11.83 -1.39
N MET A 233 -14.18 -12.71 -2.09
CA MET A 233 -14.61 -12.33 -3.43
C MET A 233 -16.11 -12.52 -3.75
N GLU A 234 -16.93 -12.93 -2.78
CA GLU A 234 -18.34 -13.27 -3.05
C GLU A 234 -19.39 -12.64 -2.13
N GLY A 235 -18.97 -12.15 -0.97
CA GLY A 235 -19.91 -11.78 0.08
C GLY A 235 -21.07 -10.89 -0.33
N THR A 236 -20.78 -9.85 -1.10
CA THR A 236 -21.84 -8.90 -1.47
C THR A 236 -22.87 -9.54 -2.39
N ALA A 237 -22.48 -10.50 -3.21
CA ALA A 237 -23.45 -11.16 -4.08
C ALA A 237 -24.36 -12.05 -3.25
N ILE A 238 -23.78 -12.83 -2.36
CA ILE A 238 -24.53 -13.77 -1.54
C ILE A 238 -25.51 -13.07 -0.59
N THR A 239 -25.05 -11.99 0.06
CA THR A 239 -25.87 -11.35 1.08
C THR A 239 -26.86 -10.32 0.50
N SER A 240 -26.74 -10.01 -0.79
CA SER A 240 -27.73 -9.17 -1.44
C SER A 240 -28.79 -10.01 -2.14
N HIS A 241 -28.36 -11.10 -2.76
CA HIS A 241 -29.28 -11.95 -3.53
C HIS A 241 -30.27 -12.70 -2.65
N CYS A 242 -29.79 -13.26 -1.55
CA CYS A 242 -30.63 -14.08 -0.69
C CYS A 242 -31.76 -13.26 -0.08
N TYR A 243 -31.43 -12.07 0.39
CA TYR A 243 -32.44 -11.15 0.92
C TYR A 243 -33.54 -10.89 -0.11
N LEU A 244 -33.13 -10.63 -1.34
CA LEU A 244 -34.09 -10.27 -2.38
C LEU A 244 -35.01 -11.42 -2.77
N THR A 245 -34.54 -12.65 -2.59
CA THR A 245 -35.37 -13.80 -2.91
C THR A 245 -36.02 -14.42 -1.69
N GLY A 246 -36.03 -13.67 -0.58
CA GLY A 246 -36.74 -14.08 0.62
C GLY A 246 -36.00 -15.02 1.55
N HIS A 247 -34.67 -15.05 1.45
CA HIS A 247 -33.87 -15.93 2.29
C HIS A 247 -32.86 -15.14 3.12
N ARG A 248 -32.10 -15.86 3.94
CA ARG A 248 -31.11 -15.26 4.84
C ARG A 248 -29.72 -15.74 4.43
N ALA A 249 -28.69 -15.02 4.85
CA ALA A 249 -27.33 -15.42 4.53
C ALA A 249 -26.30 -14.90 5.52
N ILE A 250 -25.26 -15.71 5.72
CA ILE A 250 -24.12 -15.36 6.55
C ILE A 250 -22.84 -15.80 5.85
N LEU A 251 -21.74 -15.16 6.20
CA LEU A 251 -20.41 -15.58 5.77
C LEU A 251 -19.59 -16.02 6.98
N VAL A 252 -19.04 -17.24 6.89
CA VAL A 252 -18.17 -17.77 7.92
C VAL A 252 -16.86 -18.15 7.23
N CYS A 253 -15.86 -17.28 7.31
CA CYS A 253 -14.63 -17.47 6.54
C CYS A 253 -13.42 -17.51 7.44
N VAL A 254 -12.52 -18.46 7.19
CA VAL A 254 -11.24 -18.50 7.88
C VAL A 254 -10.26 -17.57 7.14
N THR A 255 -9.26 -17.06 7.86
CA THR A 255 -8.25 -16.21 7.22
C THR A 255 -7.02 -17.05 6.89
N ALA A 256 -6.38 -16.75 5.77
CA ALA A 256 -5.24 -17.55 5.30
C ALA A 256 -3.93 -16.79 5.40
N VAL A 257 -4.03 -15.51 5.76
CA VAL A 257 -2.89 -14.60 5.79
C VAL A 257 -3.36 -13.32 6.48
N ASN A 258 -2.44 -12.63 7.15
CA ASN A 258 -2.74 -11.30 7.68
C ASN A 258 -2.23 -10.24 6.70
N ARG A 259 -3.16 -9.65 5.93
CA ARG A 259 -2.81 -8.72 4.87
C ARG A 259 -2.11 -7.45 5.35
N LEU A 260 -2.13 -7.20 6.65
CA LEU A 260 -1.39 -6.07 7.20
C LEU A 260 0.08 -6.45 7.35
N GLU A 261 0.38 -7.72 7.12
CA GLU A 261 1.74 -8.23 7.21
C GLU A 261 2.30 -8.68 5.85
N GLY A 262 1.43 -9.11 4.94
CA GLY A 262 1.90 -9.60 3.67
C GLY A 262 0.80 -9.96 2.69
N ASP A 263 1.19 -10.33 1.49
CA ASP A 263 0.22 -10.67 0.44
C ASP A 263 0.22 -12.16 0.14
N GLN A 264 1.41 -12.74 0.11
CA GLN A 264 1.58 -14.15 -0.26
C GLN A 264 0.90 -15.09 0.73
N ILE A 265 0.27 -16.14 0.22
CA ILE A 265 -0.23 -17.22 1.07
C ILE A 265 0.94 -18.18 1.29
N THR A 266 1.62 -18.02 2.42
CA THR A 266 2.84 -18.76 2.69
C THR A 266 2.63 -20.03 3.50
N ILE A 267 1.47 -20.15 4.15
CA ILE A 267 1.20 -21.35 4.95
C ILE A 267 1.19 -22.58 4.04
N SER A 268 1.50 -23.73 4.61
CA SER A 268 1.59 -24.96 3.82
C SER A 268 0.22 -25.39 3.31
N THR A 269 0.24 -26.24 2.29
CA THR A 269 -0.98 -26.83 1.75
C THR A 269 -1.76 -27.55 2.83
N ASP A 270 -1.05 -28.31 3.68
CA ASP A 270 -1.73 -29.04 4.75
C ASP A 270 -2.39 -28.09 5.74
N GLU A 271 -1.69 -27.01 6.13
CA GLU A 271 -2.28 -26.10 7.11
C GLU A 271 -3.42 -25.26 6.52
N PHE A 272 -3.31 -24.91 5.24
CA PHE A 272 -4.41 -24.22 4.56
C PHE A 272 -5.67 -25.07 4.60
N THR A 273 -5.53 -26.34 4.25
CA THR A 273 -6.66 -27.26 4.26
C THR A 273 -7.26 -27.36 5.67
N LEU A 274 -6.39 -27.44 6.66
CA LEU A 274 -6.82 -27.49 8.06
C LEU A 274 -7.59 -26.22 8.43
N PHE A 275 -7.02 -25.06 8.12
CA PHE A 275 -7.69 -23.79 8.37
C PHE A 275 -9.06 -23.76 7.70
N ALA A 276 -9.10 -24.21 6.45
CA ALA A 276 -10.30 -24.10 5.63
C ALA A 276 -11.44 -24.97 6.15
N GLN A 277 -11.12 -25.92 7.03
CA GLN A 277 -12.14 -26.77 7.63
C GLN A 277 -12.72 -26.17 8.91
N ARG A 278 -12.10 -25.12 9.42
CA ARG A 278 -12.57 -24.51 10.67
C ARG A 278 -13.96 -23.84 10.57
N PRO A 279 -14.29 -23.19 9.45
CA PRO A 279 -15.67 -22.68 9.43
C PRO A 279 -16.70 -23.81 9.60
N GLY A 280 -16.45 -24.95 8.98
CA GLY A 280 -17.33 -26.11 9.08
C GLY A 280 -17.36 -26.72 10.47
N GLN A 281 -16.24 -26.65 11.17
CA GLN A 281 -16.14 -27.11 12.55
C GLN A 281 -17.16 -26.37 13.42
N LEU A 282 -17.22 -25.05 13.25
CA LEU A 282 -18.19 -24.25 14.00
C LEU A 282 -19.62 -24.44 13.47
N VAL A 283 -19.79 -24.33 12.16
CA VAL A 283 -21.13 -24.35 11.56
C VAL A 283 -21.75 -25.74 11.68
N GLY A 284 -20.92 -26.78 11.59
CA GLY A 284 -21.39 -28.14 11.77
C GLY A 284 -22.06 -28.35 13.11
N GLU A 285 -21.49 -27.79 14.16
CA GLU A 285 -22.07 -27.95 15.50
C GLU A 285 -23.35 -27.13 15.59
N TYR A 286 -23.33 -25.95 14.97
CA TYR A 286 -24.54 -25.12 14.91
C TYR A 286 -25.69 -25.85 14.21
N LEU A 287 -25.39 -26.50 13.08
CA LEU A 287 -26.42 -27.23 12.33
C LEU A 287 -26.97 -28.40 13.14
N LYS A 288 -26.10 -29.08 13.86
CA LYS A 288 -26.51 -30.17 14.74
C LYS A 288 -27.49 -29.69 15.81
N ARG A 289 -27.28 -28.48 16.31
CA ARG A 289 -28.10 -27.97 17.42
C ARG A 289 -29.32 -27.20 16.92
N ASN A 290 -29.42 -26.97 15.62
CA ASN A 290 -30.51 -26.16 15.10
C ASN A 290 -31.29 -26.80 13.96
N ASN A 291 -31.43 -28.12 14.05
CA ASN A 291 -32.30 -28.91 13.17
C ASN A 291 -31.85 -28.93 11.71
N GLY A 292 -30.53 -28.86 11.50
CA GLY A 292 -29.99 -29.02 10.17
C GLY A 292 -29.99 -30.49 9.81
N ILE A 293 -29.65 -31.32 10.80
CA ILE A 293 -29.63 -32.76 10.62
C ILE A 293 -30.58 -33.43 11.59
N ILE A 294 -30.91 -34.68 11.29
CA ILE A 294 -31.60 -35.54 12.23
C ILE A 294 -30.51 -36.28 13.00
N VAL A 295 -30.53 -36.16 14.33
CA VAL A 295 -29.46 -36.75 15.13
C VAL A 295 -29.79 -38.19 15.50
N ARG A 296 -29.39 -39.11 14.62
CA ARG A 296 -29.70 -40.53 14.80
C ARG A 296 -28.81 -41.18 15.84
N VAL B 8 6.57 -5.11 -16.56
CA VAL B 8 6.93 -6.02 -15.47
C VAL B 8 6.73 -5.37 -14.10
N ASN B 9 6.05 -6.08 -13.21
CA ASN B 9 5.85 -5.66 -11.83
C ASN B 9 7.14 -5.81 -11.02
N SER B 10 7.76 -4.70 -10.68
CA SER B 10 9.04 -4.69 -9.96
C SER B 10 9.00 -5.38 -8.60
N HIS B 11 7.83 -5.50 -8.01
CA HIS B 11 7.72 -6.06 -6.67
C HIS B 11 8.00 -7.56 -6.63
N LEU B 12 7.90 -8.22 -7.78
CA LEU B 12 8.12 -9.65 -7.84
C LEU B 12 9.56 -10.03 -7.48
N SER B 13 10.50 -9.14 -7.81
CA SER B 13 11.92 -9.40 -7.54
C SER B 13 12.25 -9.28 -6.05
N GLU B 14 11.31 -8.73 -5.28
CA GLU B 14 11.50 -8.62 -3.83
C GLU B 14 11.25 -9.97 -3.16
N LEU B 15 10.58 -10.86 -3.87
CA LEU B 15 10.22 -12.17 -3.32
C LEU B 15 11.34 -13.18 -3.50
N ASP B 16 11.71 -13.84 -2.41
CA ASP B 16 12.65 -14.96 -2.49
C ASP B 16 11.97 -16.10 -3.21
N GLU B 17 10.70 -16.31 -2.88
CA GLU B 17 9.88 -17.36 -3.49
C GLU B 17 8.49 -16.81 -3.78
N ASP B 18 7.97 -17.09 -4.97
CA ASP B 18 6.64 -16.64 -5.34
C ASP B 18 5.68 -17.83 -5.37
N VAL B 19 4.67 -17.79 -4.50
CA VAL B 19 3.68 -18.86 -4.41
C VAL B 19 2.49 -18.62 -5.33
N PHE B 20 2.30 -19.52 -6.29
CA PHE B 20 1.10 -19.49 -7.13
C PHE B 20 -0.03 -20.20 -6.41
N HIS B 21 -0.75 -19.47 -5.55
CA HIS B 21 -1.71 -20.08 -4.61
C HIS B 21 -2.75 -20.95 -5.31
N HIS B 22 -3.26 -20.48 -6.45
CA HIS B 22 -4.38 -21.16 -7.08
C HIS B 22 -3.96 -22.28 -8.05
N PHE B 23 -2.65 -22.40 -8.30
CA PHE B 23 -2.12 -23.52 -9.07
C PHE B 23 -1.36 -24.52 -8.21
N GLY B 24 -1.19 -24.21 -6.93
CA GLY B 24 -0.57 -25.12 -5.99
C GLY B 24 0.91 -25.43 -6.19
N PHE B 25 1.67 -24.46 -6.67
CA PHE B 25 3.13 -24.61 -6.72
C PHE B 25 3.81 -23.25 -6.57
N THR B 26 5.14 -23.23 -6.56
CA THR B 26 5.90 -21.99 -6.37
C THR B 26 7.05 -21.90 -7.35
N THR B 27 7.80 -20.79 -7.31
CA THR B 27 8.95 -20.62 -8.20
C THR B 27 10.09 -21.55 -7.80
N LYS B 28 9.96 -22.19 -6.64
CA LYS B 28 10.96 -23.16 -6.17
C LYS B 28 10.60 -24.59 -6.60
N SER B 29 9.38 -24.78 -7.09
CA SER B 29 8.89 -26.12 -7.43
C SER B 29 9.63 -26.72 -8.61
N PHE B 30 9.99 -25.88 -9.58
CA PHE B 30 10.81 -26.31 -10.70
C PHE B 30 11.52 -25.12 -11.36
N ASP B 31 12.42 -25.43 -12.30
CA ASP B 31 13.12 -24.42 -13.09
C ASP B 31 12.19 -23.90 -14.17
N PHE B 32 11.63 -22.71 -13.97
CA PHE B 32 10.59 -22.19 -14.85
C PHE B 32 11.05 -21.96 -16.28
N LYS B 33 12.27 -21.48 -16.44
CA LYS B 33 12.81 -21.29 -17.78
C LYS B 33 12.93 -22.62 -18.52
N GLU B 34 13.49 -23.62 -17.85
CA GLU B 34 13.67 -24.94 -18.47
C GLU B 34 12.31 -25.60 -18.75
N LYS B 35 11.41 -25.53 -17.77
CA LYS B 35 10.12 -26.21 -17.88
C LYS B 35 9.16 -25.52 -18.84
N PHE B 36 9.11 -24.19 -18.80
CA PHE B 36 8.08 -23.47 -19.54
C PHE B 36 8.60 -22.52 -20.63
N GLY B 37 9.91 -22.38 -20.74
CA GLY B 37 10.50 -21.39 -21.62
C GLY B 37 10.14 -21.45 -23.10
N ASP B 38 9.69 -22.62 -23.56
CA ASP B 38 9.35 -22.81 -24.96
C ASP B 38 7.87 -22.55 -25.27
N VAL B 39 7.10 -22.14 -24.26
CA VAL B 39 5.67 -21.93 -24.45
C VAL B 39 5.38 -20.72 -25.33
N LYS B 40 4.55 -20.91 -26.36
CA LYS B 40 4.12 -19.80 -27.22
C LYS B 40 2.60 -19.71 -27.30
N PHE B 41 1.90 -20.66 -26.68
CA PHE B 41 0.44 -20.67 -26.67
C PHE B 41 -0.10 -21.06 -25.30
N VAL B 42 -1.18 -20.40 -24.87
CA VAL B 42 -1.91 -20.85 -23.69
C VAL B 42 -3.40 -20.98 -24.02
N CYS B 43 -3.87 -22.22 -24.09
CA CYS B 43 -5.29 -22.49 -24.32
C CYS B 43 -6.04 -22.61 -23.00
N VAL B 44 -7.12 -21.84 -22.87
CA VAL B 44 -7.88 -21.82 -21.63
C VAL B 44 -9.38 -21.99 -21.87
N CYS B 45 -10.09 -22.50 -20.87
CA CYS B 45 -11.55 -22.50 -20.90
C CYS B 45 -12.10 -22.70 -19.50
N GLY B 46 -13.41 -22.68 -19.37
CA GLY B 46 -14.05 -22.70 -18.06
C GLY B 46 -14.09 -24.06 -17.41
N SER B 47 -13.82 -25.10 -18.19
CA SER B 47 -13.96 -26.48 -17.73
C SER B 47 -12.62 -27.22 -17.64
N SER B 48 -12.30 -27.76 -16.47
CA SER B 48 -11.04 -28.51 -16.32
C SER B 48 -11.09 -29.79 -17.17
N GLY B 49 -12.26 -30.42 -17.20
CA GLY B 49 -12.41 -31.64 -17.96
C GLY B 49 -12.26 -31.41 -19.45
N ARG B 50 -12.83 -30.31 -19.93
N ARG B 50 -12.84 -30.32 -19.95
CA ARG B 50 -12.82 -29.98 -21.35
CA ARG B 50 -12.78 -30.04 -21.38
C ARG B 50 -11.40 -29.67 -21.84
C ARG B 50 -11.36 -29.73 -21.83
N ILE B 51 -10.65 -28.93 -21.03
CA ILE B 51 -9.30 -28.51 -21.41
C ILE B 51 -8.33 -29.68 -21.29
N HIS B 52 -8.58 -30.58 -20.33
CA HIS B 52 -7.77 -31.78 -20.21
C HIS B 52 -7.93 -32.66 -21.44
N ASN B 53 -9.18 -32.88 -21.85
CA ASN B 53 -9.45 -33.70 -23.03
C ASN B 53 -8.85 -33.07 -24.29
N PHE B 54 -8.84 -31.74 -24.35
CA PHE B 54 -8.27 -31.06 -25.49
C PHE B 54 -6.75 -31.20 -25.50
N ALA B 55 -6.13 -31.12 -24.33
CA ALA B 55 -4.69 -31.35 -24.22
C ALA B 55 -4.34 -32.77 -24.67
N ILE B 56 -5.16 -33.73 -24.25
CA ILE B 56 -4.97 -35.12 -24.67
C ILE B 56 -5.07 -35.23 -26.20
N SER B 57 -6.04 -34.54 -26.78
CA SER B 57 -6.22 -34.55 -28.24
C SER B 57 -5.01 -33.95 -28.96
N MET B 58 -4.42 -32.91 -28.39
CA MET B 58 -3.26 -32.28 -28.98
C MET B 58 -2.03 -33.18 -28.86
N ALA B 59 -1.94 -33.90 -27.74
CA ALA B 59 -0.84 -34.83 -27.53
C ALA B 59 -0.91 -35.97 -28.54
N LYS B 60 -2.12 -36.41 -28.86
CA LYS B 60 -2.30 -37.46 -29.86
C LYS B 60 -1.86 -36.96 -31.23
N LEU B 61 -2.24 -35.74 -31.58
CA LEU B 61 -1.82 -35.13 -32.83
C LEU B 61 -0.31 -34.99 -32.90
N ALA B 62 0.30 -34.73 -31.75
CA ALA B 62 1.75 -34.52 -31.68
C ALA B 62 2.50 -35.86 -31.72
N GLY B 63 1.75 -36.95 -31.67
CA GLY B 63 2.35 -38.28 -31.67
C GLY B 63 3.01 -38.60 -30.34
N LEU B 64 2.49 -38.02 -29.26
CA LEU B 64 2.98 -38.35 -27.93
C LEU B 64 2.12 -39.45 -27.33
N ALA B 65 2.75 -40.48 -26.77
CA ALA B 65 2.01 -41.66 -26.31
C ALA B 65 1.96 -41.75 -24.79
N LEU B 66 2.52 -40.75 -24.11
CA LEU B 66 2.49 -40.70 -22.65
C LEU B 66 1.30 -39.87 -22.18
N PRO B 67 0.66 -40.29 -21.08
CA PRO B 67 -0.48 -39.57 -20.49
C PRO B 67 -0.16 -38.11 -20.21
N VAL B 68 -1.14 -37.24 -20.41
CA VAL B 68 -0.99 -35.83 -20.08
C VAL B 68 -1.16 -35.63 -18.58
N GLU B 69 -0.09 -35.22 -17.91
CA GLU B 69 -0.11 -35.11 -16.46
C GLU B 69 -0.36 -33.67 -16.00
N ASN B 70 -1.14 -33.54 -14.93
CA ASN B 70 -1.43 -32.24 -14.32
C ASN B 70 -0.19 -31.69 -13.64
N ILE B 71 0.19 -30.46 -14.00
CA ILE B 71 1.36 -29.81 -13.43
C ILE B 71 0.99 -29.10 -12.12
N ALA B 72 -0.28 -28.71 -12.00
CA ALA B 72 -0.76 -28.04 -10.79
C ALA B 72 -0.72 -28.98 -9.58
N GLY B 73 -0.65 -28.38 -8.39
CA GLY B 73 -0.64 -29.14 -7.15
C GLY B 73 -1.98 -29.75 -6.78
N SER B 74 -1.98 -30.56 -5.72
CA SER B 74 -3.13 -31.40 -5.37
C SER B 74 -4.41 -30.64 -4.98
N HIS B 75 -4.27 -29.57 -4.19
CA HIS B 75 -5.42 -28.80 -3.74
C HIS B 75 -5.63 -27.53 -4.54
N ALA B 76 -5.03 -27.47 -5.71
CA ALA B 76 -5.12 -26.28 -6.54
C ALA B 76 -6.53 -26.11 -7.07
N ARG B 77 -6.90 -24.87 -7.33
CA ARG B 77 -8.20 -24.55 -7.92
C ARG B 77 -8.23 -24.84 -9.40
N PHE B 78 -7.09 -24.69 -10.05
CA PHE B 78 -6.99 -24.82 -11.50
C PHE B 78 -6.08 -25.97 -11.88
N VAL B 79 -6.28 -26.51 -13.08
CA VAL B 79 -5.37 -27.51 -13.63
C VAL B 79 -4.40 -26.82 -14.57
N LEU B 80 -3.30 -27.50 -14.88
CA LEU B 80 -2.30 -27.00 -15.80
C LEU B 80 -1.65 -28.16 -16.56
N TYR B 81 -1.74 -28.14 -17.88
CA TYR B 81 -1.09 -29.17 -18.70
C TYR B 81 -0.16 -28.52 -19.71
N LYS B 82 0.78 -29.31 -20.21
CA LYS B 82 1.67 -28.82 -21.26
C LYS B 82 1.85 -29.88 -22.34
N VAL B 83 1.62 -29.49 -23.59
CA VAL B 83 1.93 -30.33 -24.73
C VAL B 83 2.80 -29.51 -25.69
N ASP B 84 4.06 -29.95 -25.86
CA ASP B 84 5.05 -29.20 -26.63
C ASP B 84 5.03 -27.71 -26.26
N HIS B 85 4.72 -26.82 -27.22
CA HIS B 85 4.81 -25.37 -26.94
C HIS B 85 3.48 -24.79 -26.47
N ILE B 86 2.57 -25.64 -26.02
CA ILE B 86 1.25 -25.19 -25.58
C ILE B 86 1.01 -25.46 -24.10
N LEU B 87 0.56 -24.42 -23.40
CA LEU B 87 0.06 -24.54 -22.04
C LEU B 87 -1.47 -24.63 -22.04
N PHE B 88 -2.02 -25.44 -21.14
CA PHE B 88 -3.47 -25.62 -21.01
C PHE B 88 -3.91 -25.37 -19.57
N ALA B 89 -4.89 -24.50 -19.38
CA ALA B 89 -5.43 -24.27 -18.04
C ALA B 89 -6.92 -23.97 -18.08
N ASP B 90 -7.60 -24.15 -16.94
CA ASP B 90 -8.97 -23.71 -16.84
C ASP B 90 -9.03 -22.40 -16.04
N HIS B 91 -10.19 -21.77 -15.99
CA HIS B 91 -10.31 -20.45 -15.35
C HIS B 91 -11.68 -20.20 -14.70
N GLY B 92 -12.48 -21.26 -14.57
CA GLY B 92 -13.81 -21.11 -14.03
C GLY B 92 -14.66 -20.16 -14.86
N MET B 93 -15.64 -19.55 -14.21
CA MET B 93 -16.59 -18.69 -14.89
C MET B 93 -16.57 -17.28 -14.29
N GLY B 94 -16.50 -16.27 -15.15
CA GLY B 94 -16.57 -14.90 -14.69
C GLY B 94 -15.23 -14.20 -14.69
N ILE B 95 -15.28 -12.87 -14.82
CA ILE B 95 -14.07 -12.07 -14.88
C ILE B 95 -13.13 -12.25 -13.66
N PRO B 96 -13.66 -12.23 -12.42
CA PRO B 96 -12.74 -12.36 -11.28
C PRO B 96 -11.98 -13.69 -11.24
N SER B 97 -12.64 -14.78 -11.59
CA SER B 97 -11.95 -16.08 -11.65
C SER B 97 -10.93 -16.09 -12.79
N ALA B 98 -11.29 -15.51 -13.92
CA ALA B 98 -10.38 -15.42 -15.07
C ALA B 98 -9.14 -14.61 -14.70
N LEU B 99 -9.32 -13.54 -13.93
CA LEU B 99 -8.20 -12.68 -13.56
C LEU B 99 -7.21 -13.40 -12.64
N ILE B 100 -7.71 -14.28 -11.78
CA ILE B 100 -6.82 -15.10 -10.96
C ILE B 100 -5.93 -15.98 -11.84
N MET B 101 -6.53 -16.67 -12.80
CA MET B 101 -5.77 -17.48 -13.75
C MET B 101 -4.78 -16.61 -14.53
N LEU B 102 -5.24 -15.47 -15.01
CA LEU B 102 -4.41 -14.60 -15.84
C LEU B 102 -3.19 -14.07 -15.08
N HIS B 103 -3.42 -13.59 -13.86
CA HIS B 103 -2.31 -13.08 -13.06
C HIS B 103 -1.27 -14.17 -12.82
N GLU B 104 -1.72 -15.37 -12.45
CA GLU B 104 -0.75 -16.39 -12.08
C GLU B 104 -0.09 -16.99 -13.32
N VAL B 105 -0.82 -17.18 -14.41
CA VAL B 105 -0.20 -17.69 -15.64
C VAL B 105 0.76 -16.67 -16.29
N THR B 106 0.38 -15.40 -16.34
CA THR B 106 1.30 -14.44 -16.96
C THR B 106 2.54 -14.25 -16.09
N LYS B 107 2.43 -14.42 -14.78
CA LYS B 107 3.62 -14.42 -13.93
C LYS B 107 4.50 -15.62 -14.26
N LEU B 108 3.88 -16.79 -14.46
CA LEU B 108 4.62 -17.99 -14.85
C LEU B 108 5.41 -17.75 -16.13
N LEU B 109 4.75 -17.16 -17.12
CA LEU B 109 5.38 -16.87 -18.41
C LEU B 109 6.55 -15.90 -18.26
N HIS B 110 6.40 -14.94 -17.34
CA HIS B 110 7.47 -13.99 -17.03
C HIS B 110 8.72 -14.67 -16.47
N TYR B 111 8.52 -15.44 -15.39
CA TYR B 111 9.62 -16.18 -14.77
C TYR B 111 10.32 -17.11 -15.76
N ALA B 112 9.56 -17.64 -16.69
CA ALA B 112 10.08 -18.57 -17.69
C ALA B 112 10.76 -17.86 -18.87
N GLY B 113 10.62 -16.54 -18.93
CA GLY B 113 11.22 -15.77 -20.01
C GLY B 113 10.45 -15.85 -21.32
N CYS B 114 9.18 -16.22 -21.26
CA CYS B 114 8.33 -16.32 -22.44
C CYS B 114 7.91 -14.93 -22.91
N LYS B 115 7.99 -14.69 -24.21
CA LYS B 115 7.60 -13.40 -24.78
C LYS B 115 6.55 -13.56 -25.87
N ASP B 116 5.61 -12.62 -25.92
CA ASP B 116 4.62 -12.54 -27.01
C ASP B 116 3.88 -13.85 -27.19
N VAL B 117 3.27 -14.32 -26.11
CA VAL B 117 2.51 -15.57 -26.11
C VAL B 117 1.06 -15.32 -26.55
N LEU B 118 0.48 -16.26 -27.28
CA LEU B 118 -0.94 -16.20 -27.66
C LEU B 118 -1.84 -16.96 -26.68
N PHE B 119 -2.70 -16.22 -25.99
CA PHE B 119 -3.75 -16.84 -25.20
C PHE B 119 -4.96 -17.10 -26.09
N ILE B 120 -5.51 -18.31 -25.98
CA ILE B 120 -6.69 -18.68 -26.75
C ILE B 120 -7.79 -19.18 -25.81
N ARG B 121 -8.83 -18.38 -25.65
CA ARG B 121 -9.99 -18.84 -24.89
C ARG B 121 -10.91 -19.68 -25.77
N LEU B 122 -11.17 -20.91 -25.33
CA LEU B 122 -12.04 -21.86 -26.02
C LEU B 122 -13.34 -22.03 -25.24
N GLY B 123 -14.32 -21.16 -25.47
CA GLY B 123 -15.45 -21.14 -24.56
C GLY B 123 -16.77 -21.55 -25.15
N THR B 124 -17.81 -21.41 -24.32
CA THR B 124 -19.18 -21.54 -24.79
C THR B 124 -19.83 -20.19 -24.54
N SER B 125 -20.96 -19.95 -25.20
CA SER B 125 -21.58 -18.63 -25.20
C SER B 125 -23.01 -18.67 -25.71
N GLY B 126 -23.71 -17.55 -25.54
CA GLY B 126 -25.03 -17.40 -26.14
C GLY B 126 -24.87 -16.68 -27.46
N GLY B 127 -25.47 -17.21 -28.51
CA GLY B 127 -25.38 -16.59 -29.82
C GLY B 127 -26.43 -15.50 -30.04
N LEU B 128 -26.11 -14.55 -30.90
CA LEU B 128 -27.09 -13.54 -31.32
C LEU B 128 -27.30 -13.61 -32.81
N GLY B 129 -28.44 -14.17 -33.22
CA GLY B 129 -28.79 -14.26 -34.62
C GLY B 129 -28.01 -15.30 -35.40
N VAL B 130 -27.36 -16.22 -34.68
CA VAL B 130 -26.71 -17.36 -35.30
C VAL B 130 -27.23 -18.67 -34.70
N LYS B 131 -27.15 -19.74 -35.48
CA LYS B 131 -27.64 -21.04 -35.06
C LYS B 131 -26.77 -21.65 -33.96
N PRO B 132 -27.39 -22.36 -33.00
CA PRO B 132 -26.63 -23.08 -31.97
C PRO B 132 -25.60 -24.02 -32.60
N GLY B 133 -24.41 -24.07 -32.02
CA GLY B 133 -23.34 -24.91 -32.55
C GLY B 133 -22.39 -24.12 -33.42
N THR B 134 -22.67 -22.84 -33.61
CA THR B 134 -21.82 -21.97 -34.42
C THR B 134 -20.59 -21.53 -33.64
N ILE B 135 -19.43 -21.56 -34.29
CA ILE B 135 -18.21 -20.99 -33.74
C ILE B 135 -18.15 -19.49 -34.05
N VAL B 136 -18.01 -18.67 -33.01
CA VAL B 136 -17.81 -17.25 -33.18
C VAL B 136 -16.36 -16.88 -32.83
N LEU B 137 -15.69 -16.29 -33.80
CA LEU B 137 -14.37 -15.69 -33.58
C LEU B 137 -14.57 -14.23 -33.19
N SER B 138 -14.26 -13.88 -31.96
CA SER B 138 -14.40 -12.50 -31.50
C SER B 138 -13.44 -11.57 -32.26
N ASP B 139 -13.96 -10.49 -32.84
CA ASP B 139 -13.07 -9.48 -33.39
C ASP B 139 -13.03 -8.26 -32.48
N ARG B 140 -13.83 -8.30 -31.42
CA ARG B 140 -13.69 -7.36 -30.31
C ARG B 140 -14.49 -7.84 -29.10
N CYS B 141 -14.00 -7.51 -27.90
CA CYS B 141 -14.67 -7.91 -26.66
C CYS B 141 -15.12 -6.67 -25.89
N VAL B 142 -16.41 -6.59 -25.59
CA VAL B 142 -16.97 -5.40 -24.96
C VAL B 142 -17.77 -5.77 -23.72
N ASN B 143 -18.03 -4.79 -22.87
CA ASN B 143 -18.83 -5.04 -21.69
C ASN B 143 -20.31 -4.92 -22.02
N THR B 144 -21.16 -4.97 -21.01
CA THR B 144 -22.60 -4.95 -21.23
C THR B 144 -23.10 -3.58 -21.69
N LYS B 145 -22.24 -2.57 -21.63
CA LYS B 145 -22.55 -1.25 -22.18
C LYS B 145 -21.97 -1.10 -23.59
N LEU B 146 -21.45 -2.20 -24.13
CA LEU B 146 -20.86 -2.26 -25.47
C LEU B 146 -19.57 -1.44 -25.59
N GLU B 147 -18.89 -1.23 -24.47
CA GLU B 147 -17.59 -0.54 -24.47
C GLU B 147 -16.44 -1.54 -24.47
N PRO B 148 -15.42 -1.32 -25.33
CA PRO B 148 -14.27 -2.23 -25.41
C PRO B 148 -13.27 -2.00 -24.28
N TYR B 149 -13.74 -2.19 -23.06
CA TYR B 149 -12.91 -1.99 -21.88
C TYR B 149 -13.27 -2.97 -20.78
N ASN B 150 -12.29 -3.31 -19.97
CA ASN B 150 -12.56 -4.02 -18.74
C ASN B 150 -12.52 -3.02 -17.60
N GLU B 151 -13.51 -3.08 -16.72
CA GLU B 151 -13.56 -2.19 -15.57
C GLU B 151 -13.06 -2.89 -14.32
N LEU B 152 -12.23 -2.18 -13.55
CA LEU B 152 -11.72 -2.68 -12.28
C LEU B 152 -11.80 -1.59 -11.22
N CYS B 153 -11.82 -2.00 -9.96
CA CYS B 153 -11.81 -1.05 -8.86
C CYS B 153 -10.60 -1.34 -7.98
N ILE B 154 -9.56 -0.52 -8.11
CA ILE B 154 -8.27 -0.82 -7.51
C ILE B 154 -7.93 0.21 -6.42
N LEU B 155 -7.75 -0.29 -5.21
CA LEU B 155 -7.66 0.56 -4.01
C LEU B 155 -8.88 1.46 -3.90
N GLY B 156 -10.03 0.95 -4.33
CA GLY B 156 -11.27 1.70 -4.24
C GLY B 156 -11.45 2.75 -5.33
N LYS B 157 -10.60 2.73 -6.35
CA LYS B 157 -10.68 3.72 -7.42
C LYS B 157 -10.92 3.07 -8.76
N PRO B 158 -11.75 3.70 -9.61
CA PRO B 158 -12.09 3.07 -10.89
C PRO B 158 -10.94 3.11 -11.88
N VAL B 159 -10.73 1.99 -12.56
CA VAL B 159 -9.69 1.83 -13.57
C VAL B 159 -10.34 1.18 -14.80
N ARG B 160 -9.97 1.63 -16.00
CA ARG B 160 -10.47 0.98 -17.22
C ARG B 160 -9.31 0.55 -18.12
N ARG B 161 -9.41 -0.66 -18.65
CA ARG B 161 -8.36 -1.22 -19.48
C ARG B 161 -8.91 -1.68 -20.83
N GLN B 162 -8.39 -1.11 -21.90
CA GLN B 162 -8.91 -1.38 -23.24
C GLN B 162 -8.70 -2.84 -23.63
N THR B 163 -9.65 -3.39 -24.36
CA THR B 163 -9.55 -4.75 -24.85
C THR B 163 -8.96 -4.75 -26.25
N ILE B 164 -8.06 -5.69 -26.52
CA ILE B 164 -7.37 -5.80 -27.80
C ILE B 164 -7.33 -7.25 -28.25
N VAL B 165 -7.95 -7.53 -29.39
CA VAL B 165 -7.96 -8.88 -29.94
C VAL B 165 -6.88 -8.99 -31.01
N ASP B 166 -6.20 -10.14 -31.06
CA ASP B 166 -5.23 -10.44 -32.12
C ASP B 166 -5.98 -10.73 -33.42
N LEU B 167 -6.27 -9.68 -34.18
CA LEU B 167 -7.11 -9.80 -35.38
C LEU B 167 -6.43 -10.54 -36.53
N ASN B 168 -5.10 -10.47 -36.60
CA ASN B 168 -4.36 -11.24 -37.58
C ASN B 168 -4.59 -12.74 -37.40
N THR B 169 -4.56 -13.19 -36.16
CA THR B 169 -4.78 -14.60 -35.87
C THR B 169 -6.24 -14.95 -36.12
N VAL B 170 -7.13 -14.02 -35.80
CA VAL B 170 -8.56 -14.21 -36.05
C VAL B 170 -8.80 -14.42 -37.55
N ASN B 171 -8.23 -13.57 -38.37
CA ASN B 171 -8.40 -13.69 -39.81
C ASN B 171 -7.81 -15.01 -40.33
N GLU B 172 -6.70 -15.41 -39.76
CA GLU B 172 -6.13 -16.68 -40.11
C GLU B 172 -7.02 -17.87 -39.80
N LEU B 173 -7.67 -17.82 -38.64
CA LEU B 173 -8.59 -18.89 -38.24
C LEU B 173 -9.81 -18.96 -39.16
N LYS B 174 -10.32 -17.79 -39.56
CA LYS B 174 -11.42 -17.75 -40.50
C LYS B 174 -11.01 -18.36 -41.84
N LYS B 175 -9.83 -17.97 -42.32
CA LYS B 175 -9.29 -18.51 -43.57
C LYS B 175 -9.13 -20.02 -43.47
N LEU B 176 -8.57 -20.49 -42.36
CA LEU B 176 -8.37 -21.91 -42.14
C LEU B 176 -9.68 -22.68 -42.12
N SER B 177 -10.70 -22.10 -41.48
CA SER B 177 -12.00 -22.74 -41.38
C SER B 177 -12.61 -22.97 -42.76
N GLU B 178 -12.35 -22.05 -43.68
CA GLU B 178 -12.87 -22.18 -45.04
C GLU B 178 -12.20 -23.33 -45.79
N ASN B 179 -11.11 -23.83 -45.24
CA ASN B 179 -10.40 -24.95 -45.84
C ASN B 179 -10.56 -26.24 -45.03
N LEU B 180 -11.47 -26.23 -44.08
CA LEU B 180 -11.72 -27.42 -43.25
C LEU B 180 -13.14 -27.93 -43.47
N SER B 181 -13.41 -29.16 -43.04
CA SER B 181 -14.75 -29.69 -43.17
C SER B 181 -15.37 -29.77 -41.80
N LEU B 182 -15.60 -28.60 -41.21
CA LEU B 182 -16.30 -28.49 -39.95
C LEU B 182 -17.77 -28.81 -40.17
N GLU B 183 -18.42 -29.34 -39.15
CA GLU B 183 -19.85 -29.61 -39.21
C GLU B 183 -20.62 -28.37 -38.76
N CYS B 184 -19.94 -27.24 -38.70
CA CYS B 184 -20.54 -26.00 -38.23
C CYS B 184 -20.08 -24.80 -39.05
N SER B 185 -20.76 -23.68 -38.88
CA SER B 185 -20.32 -22.42 -39.49
C SER B 185 -19.35 -21.70 -38.56
N VAL B 186 -18.49 -20.87 -39.15
CA VAL B 186 -17.61 -20.00 -38.38
C VAL B 186 -17.93 -18.56 -38.72
N VAL B 187 -18.17 -17.75 -37.69
CA VAL B 187 -18.57 -16.35 -37.87
C VAL B 187 -17.61 -15.42 -37.13
N VAL B 188 -17.26 -14.29 -37.74
CA VAL B 188 -16.44 -13.29 -37.05
C VAL B 188 -17.34 -12.16 -36.56
N GLY B 189 -17.32 -11.86 -35.26
CA GLY B 189 -18.21 -10.86 -34.71
C GLY B 189 -17.83 -10.40 -33.32
N GLY B 190 -18.61 -9.46 -32.78
CA GLY B 190 -18.33 -8.91 -31.46
C GLY B 190 -18.86 -9.78 -30.34
N THR B 191 -18.24 -9.67 -29.16
CA THR B 191 -18.58 -10.52 -28.02
C THR B 191 -18.78 -9.73 -26.72
N ILE B 192 -19.98 -9.78 -26.16
CA ILE B 192 -20.24 -9.18 -24.85
C ILE B 192 -19.78 -10.11 -23.73
N ALA B 193 -19.06 -9.55 -22.76
CA ALA B 193 -18.79 -10.25 -21.50
C ALA B 193 -19.66 -9.65 -20.40
N ALA B 194 -20.40 -10.50 -19.70
CA ALA B 194 -21.26 -10.06 -18.61
C ALA B 194 -20.82 -10.65 -17.27
N ASN B 195 -21.19 -9.99 -16.17
CA ASN B 195 -20.81 -10.46 -14.84
C ASN B 195 -21.91 -11.29 -14.19
N ASP B 196 -22.68 -11.99 -15.02
CA ASP B 196 -23.81 -12.80 -14.57
C ASP B 196 -24.24 -13.66 -15.75
N PHE B 197 -24.79 -14.83 -15.48
CA PHE B 197 -25.32 -15.67 -16.55
C PHE B 197 -26.76 -15.26 -16.89
N TYR B 198 -27.47 -14.76 -15.89
CA TYR B 198 -28.89 -14.50 -16.07
C TYR B 198 -29.22 -13.03 -16.34
N GLU B 199 -29.32 -12.21 -15.30
CA GLU B 199 -29.86 -10.87 -15.47
C GLU B 199 -29.01 -9.96 -16.38
N GLU B 200 -27.70 -9.99 -16.21
CA GLU B 200 -26.85 -9.13 -17.04
C GLU B 200 -26.85 -9.57 -18.50
N GLN B 201 -27.24 -10.82 -18.76
CA GLN B 201 -27.28 -11.32 -20.13
C GLN B 201 -28.69 -11.19 -20.71
N GLY B 202 -29.57 -10.53 -19.97
CA GLY B 202 -30.93 -10.30 -20.44
C GLY B 202 -31.80 -11.53 -20.46
N ARG B 203 -31.47 -12.52 -19.63
CA ARG B 203 -32.31 -13.71 -19.49
C ARG B 203 -33.57 -13.41 -18.70
N LEU B 204 -34.68 -14.00 -19.10
CA LEU B 204 -35.94 -13.81 -18.41
C LEU B 204 -36.18 -14.89 -17.34
N ASP B 205 -35.28 -15.87 -17.30
CA ASP B 205 -35.52 -17.08 -16.50
C ASP B 205 -34.59 -17.25 -15.30
N GLY B 206 -34.07 -16.14 -14.78
CA GLY B 206 -33.33 -16.18 -13.55
C GLY B 206 -34.26 -16.24 -12.35
N SER B 207 -33.69 -16.25 -11.15
CA SER B 207 -34.50 -16.22 -9.93
C SER B 207 -35.04 -14.81 -9.69
N ILE B 208 -34.41 -13.84 -10.36
CA ILE B 208 -34.86 -12.46 -10.31
C ILE B 208 -34.90 -11.92 -11.73
N CYS B 209 -35.95 -11.18 -12.08
CA CYS B 209 -36.01 -10.52 -13.37
C CYS B 209 -36.81 -9.23 -13.30
N THR B 210 -36.16 -8.12 -13.61
CA THR B 210 -36.79 -6.80 -13.47
C THR B 210 -37.19 -6.19 -14.81
N PHE B 211 -37.22 -7.01 -15.87
CA PHE B 211 -37.56 -6.49 -17.19
C PHE B 211 -38.48 -7.40 -18.00
N SER B 212 -39.05 -6.85 -19.07
CA SER B 212 -39.95 -7.57 -19.95
C SER B 212 -39.24 -8.19 -21.13
N LYS B 213 -39.93 -9.07 -21.84
CA LYS B 213 -39.38 -9.68 -23.05
C LYS B 213 -39.02 -8.63 -24.09
N GLU B 214 -39.88 -7.61 -24.22
CA GLU B 214 -39.66 -6.54 -25.16
C GLU B 214 -38.35 -5.80 -24.85
N GLU B 215 -38.14 -5.50 -23.57
CA GLU B 215 -36.92 -4.82 -23.15
C GLU B 215 -35.68 -5.67 -23.37
N LYS B 216 -35.78 -6.97 -23.12
CA LYS B 216 -34.71 -7.91 -23.43
C LYS B 216 -34.33 -7.83 -24.91
N LEU B 217 -35.32 -7.99 -25.77
CA LEU B 217 -35.10 -8.02 -27.21
C LEU B 217 -34.52 -6.69 -27.71
N ALA B 218 -34.98 -5.58 -27.13
CA ALA B 218 -34.44 -4.27 -27.50
C ALA B 218 -32.96 -4.16 -27.14
N PHE B 219 -32.60 -4.70 -25.97
CA PHE B 219 -31.22 -4.72 -25.52
C PHE B 219 -30.37 -5.59 -26.45
N LEU B 220 -30.87 -6.78 -26.78
CA LEU B 220 -30.11 -7.68 -27.63
C LEU B 220 -30.07 -7.20 -29.09
N GLN B 221 -31.16 -6.59 -29.55
CA GLN B 221 -31.20 -6.04 -30.90
C GLN B 221 -30.15 -4.96 -31.09
N SER B 222 -30.10 -4.06 -30.13
CA SER B 222 -29.08 -3.00 -30.12
C SER B 222 -27.69 -3.61 -30.14
N ALA B 223 -27.49 -4.65 -29.35
CA ALA B 223 -26.22 -5.38 -29.34
C ALA B 223 -25.92 -5.93 -30.73
N TYR B 224 -26.89 -6.61 -31.34
CA TYR B 224 -26.68 -7.19 -32.67
C TYR B 224 -26.32 -6.12 -33.69
N GLU B 225 -26.99 -4.97 -33.60
CA GLU B 225 -26.77 -3.88 -34.54
C GLU B 225 -25.41 -3.22 -34.36
N HIS B 226 -24.80 -3.45 -33.20
CA HIS B 226 -23.43 -3.00 -32.96
C HIS B 226 -22.43 -4.10 -33.32
N GLY B 227 -22.91 -5.13 -34.00
CA GLY B 227 -22.05 -6.19 -34.50
C GLY B 227 -21.79 -7.35 -33.56
N ILE B 228 -22.50 -7.37 -32.43
CA ILE B 228 -22.33 -8.45 -31.46
C ILE B 228 -22.98 -9.74 -31.95
N ARG B 229 -22.24 -10.84 -31.91
CA ARG B 229 -22.77 -12.11 -32.36
C ARG B 229 -22.81 -13.18 -31.25
N ASN B 230 -22.11 -12.94 -30.15
CA ASN B 230 -22.28 -13.81 -28.99
C ASN B 230 -22.00 -13.13 -27.65
N MET B 231 -22.21 -13.89 -26.58
CA MET B 231 -22.20 -13.35 -25.23
C MET B 231 -21.71 -14.40 -24.23
N GLU B 232 -20.68 -14.05 -23.46
CA GLU B 232 -20.14 -14.94 -22.45
C GLU B 232 -19.72 -14.12 -21.24
N MET B 233 -18.73 -14.58 -20.48
CA MET B 233 -18.48 -13.94 -19.18
C MET B 233 -17.04 -13.51 -18.86
N GLU B 234 -16.09 -13.67 -19.79
CA GLU B 234 -14.67 -13.40 -19.48
C GLU B 234 -13.88 -12.59 -20.50
N GLY B 235 -14.40 -12.44 -21.71
CA GLY B 235 -13.62 -11.91 -22.81
C GLY B 235 -12.88 -10.60 -22.56
N THR B 236 -13.52 -9.67 -21.86
CA THR B 236 -12.90 -8.37 -21.61
C THR B 236 -11.72 -8.44 -20.65
N ALA B 237 -11.72 -9.43 -19.76
CA ALA B 237 -10.59 -9.61 -18.85
C ALA B 237 -9.40 -10.16 -19.62
N ILE B 238 -9.64 -11.20 -20.39
CA ILE B 238 -8.57 -11.88 -21.12
C ILE B 238 -7.92 -10.96 -22.15
N THR B 239 -8.74 -10.26 -22.93
CA THR B 239 -8.22 -9.44 -24.02
C THR B 239 -7.69 -8.08 -23.56
N SER B 240 -7.96 -7.68 -22.33
CA SER B 240 -7.35 -6.46 -21.80
C SER B 240 -6.06 -6.80 -21.05
N HIS B 241 -6.09 -7.89 -20.29
CA HIS B 241 -4.96 -8.25 -19.42
C HIS B 241 -3.73 -8.72 -20.22
N CYS B 242 -3.95 -9.55 -21.24
CA CYS B 242 -2.83 -10.09 -22.01
C CYS B 242 -2.04 -8.99 -22.69
N TYR B 243 -2.74 -8.08 -23.36
CA TYR B 243 -2.12 -6.94 -24.03
C TYR B 243 -1.25 -6.16 -23.06
N LEU B 244 -1.78 -5.91 -21.87
CA LEU B 244 -1.08 -5.10 -20.87
C LEU B 244 0.17 -5.80 -20.31
N THR B 245 0.24 -7.12 -20.45
CA THR B 245 1.41 -7.85 -19.97
C THR B 245 2.30 -8.30 -21.12
N GLY B 246 2.06 -7.77 -22.31
CA GLY B 246 2.90 -8.02 -23.47
C GLY B 246 2.55 -9.23 -24.30
N HIS B 247 1.32 -9.74 -24.15
CA HIS B 247 0.90 -10.93 -24.89
C HIS B 247 -0.31 -10.65 -25.79
N ARG B 248 -0.70 -11.64 -26.59
CA ARG B 248 -1.86 -11.52 -27.47
C ARG B 248 -2.98 -12.44 -27.01
N ALA B 249 -4.21 -12.13 -27.39
CA ALA B 249 -5.35 -12.97 -26.99
C ALA B 249 -6.46 -13.03 -28.03
N ILE B 250 -7.13 -14.17 -28.09
CA ILE B 250 -8.30 -14.33 -28.95
C ILE B 250 -9.37 -15.13 -28.20
N LEU B 251 -10.62 -15.01 -28.65
CA LEU B 251 -11.69 -15.85 -28.14
C LEU B 251 -12.28 -16.66 -29.29
N VAL B 252 -12.34 -17.97 -29.10
CA VAL B 252 -13.03 -18.87 -30.01
C VAL B 252 -14.11 -19.60 -29.22
N CYS B 253 -15.35 -19.14 -29.35
CA CYS B 253 -16.45 -19.70 -28.55
C CYS B 253 -17.56 -20.25 -29.43
N VAL B 254 -18.05 -21.42 -29.08
CA VAL B 254 -19.23 -21.99 -29.74
C VAL B 254 -20.47 -21.40 -29.07
N THR B 255 -21.57 -21.32 -29.82
CA THR B 255 -22.82 -20.87 -29.23
C THR B 255 -23.69 -22.09 -28.85
N ALA B 256 -24.43 -21.95 -27.75
CA ALA B 256 -25.23 -23.04 -27.22
C ALA B 256 -26.74 -22.76 -27.27
N VAL B 257 -27.09 -21.58 -27.76
CA VAL B 257 -28.48 -21.13 -27.82
C VAL B 257 -28.52 -19.86 -28.67
N ASN B 258 -29.60 -19.67 -29.43
CA ASN B 258 -29.82 -18.39 -30.08
C ASN B 258 -30.65 -17.51 -29.15
N ARG B 259 -29.99 -16.50 -28.59
CA ARG B 259 -30.60 -15.68 -27.54
C ARG B 259 -31.71 -14.78 -28.06
N LEU B 260 -31.75 -14.55 -29.36
CA LEU B 260 -32.85 -13.80 -29.94
C LEU B 260 -34.12 -14.66 -29.97
N GLU B 261 -33.98 -15.95 -29.71
CA GLU B 261 -35.11 -16.87 -29.72
C GLU B 261 -35.49 -17.39 -28.33
N GLY B 262 -34.55 -17.35 -27.38
CA GLY B 262 -34.80 -17.88 -26.06
C GLY B 262 -33.63 -17.73 -25.11
N ASP B 263 -33.78 -18.31 -23.91
CA ASP B 263 -32.75 -18.22 -22.88
C ASP B 263 -32.26 -19.61 -22.47
N GLN B 264 -33.20 -20.54 -22.28
CA GLN B 264 -32.88 -21.88 -21.83
C GLN B 264 -31.90 -22.60 -22.74
N ILE B 265 -30.89 -23.23 -22.16
CA ILE B 265 -30.07 -24.16 -22.92
C ILE B 265 -30.81 -25.50 -22.98
N THR B 266 -31.48 -25.75 -24.10
CA THR B 266 -32.36 -26.90 -24.20
C THR B 266 -31.69 -28.10 -24.85
N ILE B 267 -30.56 -27.87 -25.53
CA ILE B 267 -29.88 -28.97 -26.19
C ILE B 267 -29.41 -29.98 -25.14
N SER B 268 -29.29 -31.24 -25.53
CA SER B 268 -28.92 -32.29 -24.59
C SER B 268 -27.52 -32.03 -24.03
N THR B 269 -27.22 -32.63 -22.88
CA THR B 269 -25.89 -32.53 -22.29
C THR B 269 -24.81 -33.03 -23.26
N ASP B 270 -25.13 -34.11 -23.97
CA ASP B 270 -24.18 -34.68 -24.91
C ASP B 270 -23.94 -33.73 -26.08
N GLU B 271 -25.00 -33.15 -26.63
CA GLU B 271 -24.80 -32.26 -27.77
C GLU B 271 -24.07 -31.00 -27.33
N PHE B 272 -24.34 -30.53 -26.12
CA PHE B 272 -23.60 -29.38 -25.59
C PHE B 272 -22.11 -29.69 -25.57
N THR B 273 -21.75 -30.87 -25.05
CA THR B 273 -20.35 -31.27 -24.96
C THR B 273 -19.74 -31.35 -26.36
N LEU B 274 -20.49 -31.93 -27.28
CA LEU B 274 -20.11 -31.99 -28.70
C LEU B 274 -19.86 -30.59 -29.29
N PHE B 275 -20.80 -29.66 -29.10
CA PHE B 275 -20.62 -28.28 -29.54
C PHE B 275 -19.37 -27.64 -28.94
N ALA B 276 -19.14 -27.88 -27.64
CA ALA B 276 -18.06 -27.22 -26.92
C ALA B 276 -16.67 -27.71 -27.36
N GLN B 277 -16.64 -28.84 -28.05
CA GLN B 277 -15.39 -29.33 -28.60
C GLN B 277 -15.05 -28.67 -29.95
N ARG B 278 -16.01 -27.98 -30.53
CA ARG B 278 -15.81 -27.42 -31.87
C ARG B 278 -14.74 -26.32 -31.93
N PRO B 279 -14.66 -25.44 -30.92
CA PRO B 279 -13.55 -24.48 -30.96
C PRO B 279 -12.18 -25.17 -31.01
N GLY B 280 -11.99 -26.19 -30.20
CA GLY B 280 -10.77 -26.96 -30.22
C GLY B 280 -10.52 -27.70 -31.52
N GLN B 281 -11.60 -28.08 -32.21
CA GLN B 281 -11.46 -28.74 -33.51
C GLN B 281 -10.74 -27.80 -34.48
N LEU B 282 -11.21 -26.56 -34.53
CA LEU B 282 -10.60 -25.54 -35.37
C LEU B 282 -9.20 -25.13 -34.85
N VAL B 283 -9.12 -24.83 -33.57
CA VAL B 283 -7.88 -24.31 -33.00
C VAL B 283 -6.80 -25.39 -33.00
N GLY B 284 -7.21 -26.64 -32.80
CA GLY B 284 -6.30 -27.77 -32.85
C GLY B 284 -5.54 -27.84 -34.16
N GLU B 285 -6.26 -27.71 -35.27
CA GLU B 285 -5.64 -27.73 -36.59
C GLU B 285 -4.74 -26.51 -36.78
N TYR B 286 -5.15 -25.38 -36.23
CA TYR B 286 -4.34 -24.17 -36.31
C TYR B 286 -3.00 -24.36 -35.60
N LEU B 287 -3.06 -24.92 -34.39
CA LEU B 287 -1.87 -25.17 -33.61
C LEU B 287 -0.95 -26.15 -34.32
N LYS B 288 -1.53 -27.15 -34.99
CA LYS B 288 -0.72 -28.10 -35.76
C LYS B 288 0.02 -27.41 -36.91
N ARG B 289 -0.63 -26.43 -37.53
CA ARG B 289 -0.05 -25.79 -38.70
C ARG B 289 0.84 -24.59 -38.36
N ASN B 290 0.83 -24.18 -37.09
CA ASN B 290 1.54 -22.97 -36.68
C ASN B 290 2.46 -23.19 -35.49
N ASN B 291 3.13 -24.35 -35.49
CA ASN B 291 4.19 -24.66 -34.52
C ASN B 291 3.73 -24.70 -33.06
N GLY B 292 2.45 -24.96 -32.84
CA GLY B 292 1.94 -25.18 -31.48
C GLY B 292 2.47 -26.50 -30.97
N ILE B 293 2.29 -27.54 -31.77
CA ILE B 293 2.85 -28.85 -31.46
C ILE B 293 3.96 -29.20 -32.42
N ILE B 294 4.78 -30.15 -32.02
CA ILE B 294 5.73 -30.76 -32.92
C ILE B 294 5.12 -32.05 -33.47
N VAL B 295 4.97 -32.10 -34.79
CA VAL B 295 4.34 -33.25 -35.44
C VAL B 295 5.37 -34.36 -35.65
N ARG B 296 5.23 -35.43 -34.88
CA ARG B 296 6.18 -36.53 -34.91
C ARG B 296 5.68 -37.65 -35.80
N VAL C 8 9.69 43.18 19.92
CA VAL C 8 9.51 43.06 18.48
C VAL C 8 10.75 43.52 17.72
N ASN C 9 11.20 42.70 16.77
CA ASN C 9 12.31 43.08 15.89
C ASN C 9 11.88 44.18 14.92
N SER C 10 12.43 45.38 15.13
CA SER C 10 12.05 46.56 14.35
C SER C 10 12.46 46.41 12.88
N HIS C 11 13.40 45.51 12.62
CA HIS C 11 13.87 45.27 11.26
C HIS C 11 12.74 44.76 10.34
N LEU C 12 11.68 44.22 10.93
CA LEU C 12 10.57 43.69 10.15
C LEU C 12 9.80 44.80 9.45
N SER C 13 9.90 46.02 9.98
CA SER C 13 9.21 47.17 9.38
C SER C 13 9.91 47.63 8.11
N GLU C 14 11.15 47.18 7.91
CA GLU C 14 11.91 47.56 6.73
C GLU C 14 11.49 46.73 5.52
N LEU C 15 10.65 45.73 5.77
CA LEU C 15 10.20 44.84 4.71
C LEU C 15 8.83 45.23 4.19
N ASP C 16 8.71 45.28 2.86
CA ASP C 16 7.43 45.55 2.22
C ASP C 16 6.59 44.28 2.23
N GLU C 17 7.26 43.16 2.04
CA GLU C 17 6.63 41.85 2.11
C GLU C 17 7.53 40.90 2.87
N ASP C 18 6.95 40.09 3.75
CA ASP C 18 7.73 39.13 4.54
C ASP C 18 7.49 37.70 4.07
N VAL C 19 8.54 37.05 3.60
CA VAL C 19 8.44 35.72 3.00
C VAL C 19 8.71 34.60 4.01
N PHE C 20 7.67 33.81 4.30
CA PHE C 20 7.82 32.64 5.15
C PHE C 20 8.30 31.47 4.28
N HIS C 21 9.60 31.46 4.02
CA HIS C 21 10.21 30.55 3.06
C HIS C 21 9.84 29.08 3.26
N HIS C 22 9.84 28.63 4.50
CA HIS C 22 9.70 27.20 4.78
C HIS C 22 8.26 26.74 4.91
N PHE C 23 7.33 27.71 4.96
CA PHE C 23 5.90 27.38 4.97
C PHE C 23 5.25 27.66 3.62
N GLY C 24 5.97 28.35 2.74
CA GLY C 24 5.51 28.53 1.38
C GLY C 24 4.36 29.49 1.20
N PHE C 25 4.31 30.53 2.02
CA PHE C 25 3.41 31.64 1.76
C PHE C 25 4.03 32.94 2.28
N THR C 26 3.31 34.04 2.13
CA THR C 26 3.83 35.33 2.56
C THR C 26 2.75 36.18 3.22
N THR C 27 3.12 37.37 3.69
CA THR C 27 2.17 38.27 4.34
C THR C 27 1.10 38.75 3.38
N LYS C 28 1.33 38.56 2.09
CA LYS C 28 0.36 38.97 1.08
C LYS C 28 -0.56 37.82 0.70
N SER C 29 -0.32 36.65 1.29
CA SER C 29 -1.11 35.46 1.00
C SER C 29 -2.46 35.50 1.71
N PHE C 30 -2.49 36.06 2.92
CA PHE C 30 -3.73 36.17 3.68
C PHE C 30 -3.84 37.49 4.41
N ASP C 31 -5.06 37.78 4.88
CA ASP C 31 -5.25 38.76 5.93
C ASP C 31 -4.91 38.06 7.24
N PHE C 32 -3.69 38.25 7.70
CA PHE C 32 -3.17 37.52 8.86
C PHE C 32 -3.98 37.78 10.12
N LYS C 33 -4.38 39.03 10.33
CA LYS C 33 -5.21 39.37 11.48
C LYS C 33 -6.51 38.59 11.45
N GLU C 34 -7.19 38.62 10.30
CA GLU C 34 -8.47 37.93 10.15
C GLU C 34 -8.32 36.41 10.23
N LYS C 35 -7.28 35.88 9.60
CA LYS C 35 -7.13 34.43 9.46
C LYS C 35 -6.57 33.75 10.71
N PHE C 36 -5.64 34.40 11.40
CA PHE C 36 -4.97 33.74 12.52
C PHE C 36 -5.23 34.44 13.87
N GLY C 37 -5.97 35.53 13.84
CA GLY C 37 -6.14 36.38 15.01
C GLY C 37 -6.68 35.72 16.26
N ASP C 38 -7.44 34.65 16.10
CA ASP C 38 -8.07 33.99 17.23
C ASP C 38 -7.26 32.82 17.80
N VAL C 39 -6.07 32.60 17.24
CA VAL C 39 -5.24 31.48 17.70
C VAL C 39 -4.65 31.75 19.08
N LYS C 40 -4.82 30.79 19.99
CA LYS C 40 -4.24 30.87 21.32
C LYS C 40 -3.37 29.66 21.64
N PHE C 41 -3.38 28.66 20.76
CA PHE C 41 -2.59 27.46 20.94
C PHE C 41 -1.89 27.05 19.65
N VAL C 42 -0.64 26.61 19.76
CA VAL C 42 0.07 26.03 18.64
C VAL C 42 0.60 24.65 19.04
N CYS C 43 0.05 23.59 18.48
CA CYS C 43 0.52 22.25 18.77
C CYS C 43 1.51 21.79 17.72
N VAL C 44 2.69 21.35 18.16
CA VAL C 44 3.72 20.95 17.21
C VAL C 44 4.33 19.58 17.53
N CYS C 45 4.89 18.94 16.51
CA CYS C 45 5.70 17.74 16.71
C CYS C 45 6.54 17.44 15.47
N GLY C 46 7.37 16.40 15.56
CA GLY C 46 8.31 16.11 14.50
C GLY C 46 7.69 15.49 13.27
N SER C 47 6.47 14.98 13.41
CA SER C 47 5.83 14.23 12.33
C SER C 47 4.63 14.98 11.75
N SER C 48 4.66 15.20 10.43
CA SER C 48 3.54 15.85 9.75
C SER C 48 2.28 15.00 9.85
N GLY C 49 2.43 13.69 9.65
CA GLY C 49 1.31 12.78 9.73
C GLY C 49 0.66 12.74 11.11
N ARG C 50 1.48 12.68 12.16
CA ARG C 50 0.95 12.60 13.52
CA ARG C 50 0.96 12.61 13.52
C ARG C 50 0.19 13.86 13.89
N ILE C 51 0.73 15.02 13.52
CA ILE C 51 0.08 16.28 13.88
C ILE C 51 -1.14 16.53 13.00
N HIS C 52 -1.12 16.01 11.78
CA HIS C 52 -2.29 16.08 10.92
C HIS C 52 -3.41 15.25 11.53
N ASN C 53 -3.08 14.02 11.94
CA ASN C 53 -4.06 13.14 12.56
C ASN C 53 -4.60 13.71 13.86
N PHE C 54 -3.76 14.43 14.58
CA PHE C 54 -4.19 15.06 15.81
C PHE C 54 -5.17 16.21 15.52
N ALA C 55 -4.86 17.03 14.53
CA ALA C 55 -5.76 18.10 14.12
C ALA C 55 -7.09 17.54 13.66
N ILE C 56 -7.05 16.41 12.96
CA ILE C 56 -8.25 15.71 12.54
C ILE C 56 -9.09 15.28 13.75
N SER C 57 -8.41 14.72 14.75
CA SER C 57 -9.09 14.26 15.97
C SER C 57 -9.77 15.42 16.71
N MET C 58 -9.12 16.57 16.72
CA MET C 58 -9.65 17.73 17.42
C MET C 58 -10.85 18.34 16.70
N ALA C 59 -10.80 18.33 15.37
CA ALA C 59 -11.90 18.82 14.55
C ALA C 59 -13.13 17.93 14.74
N LYS C 60 -12.91 16.62 14.73
CA LYS C 60 -13.99 15.66 14.95
C LYS C 60 -14.58 15.85 16.34
N LEU C 61 -13.71 16.10 17.31
CA LEU C 61 -14.13 16.37 18.68
C LEU C 61 -14.97 17.63 18.74
N ALA C 62 -14.62 18.62 17.91
CA ALA C 62 -15.34 19.88 17.89
C ALA C 62 -16.55 19.81 16.95
N GLY C 63 -16.72 18.65 16.32
CA GLY C 63 -17.83 18.43 15.41
C GLY C 63 -17.76 19.31 14.18
N LEU C 64 -16.57 19.44 13.63
CA LEU C 64 -16.35 20.29 12.46
C LEU C 64 -15.82 19.47 11.28
N PRO C 67 -12.91 18.31 6.67
CA PRO C 67 -11.58 18.18 6.05
C PRO C 67 -10.60 19.23 6.55
N VAL C 68 -9.58 18.79 7.28
CA VAL C 68 -8.54 19.68 7.78
C VAL C 68 -7.49 19.91 6.69
N GLU C 69 -7.52 21.08 6.07
CA GLU C 69 -6.66 21.36 4.92
C GLU C 69 -5.37 22.09 5.28
N ASN C 70 -4.27 21.68 4.64
CA ASN C 70 -2.97 22.30 4.84
C ASN C 70 -2.96 23.75 4.39
N ILE C 71 -2.56 24.64 5.29
CA ILE C 71 -2.48 26.06 4.98
C ILE C 71 -1.14 26.38 4.30
N ALA C 72 -0.15 25.53 4.55
CA ALA C 72 1.19 25.74 4.01
C ALA C 72 1.23 25.53 2.50
N GLY C 73 2.22 26.16 1.86
CA GLY C 73 2.36 26.12 0.41
C GLY C 73 2.81 24.79 -0.14
N SER C 74 2.94 24.73 -1.47
CA SER C 74 3.21 23.49 -2.19
C SER C 74 4.59 22.89 -1.90
N HIS C 75 5.63 23.73 -1.97
CA HIS C 75 7.00 23.24 -1.83
C HIS C 75 7.55 23.43 -0.40
N ALA C 76 6.64 23.65 0.54
CA ALA C 76 7.03 23.93 1.92
C ALA C 76 7.65 22.72 2.61
N ARG C 77 8.54 22.98 3.55
CA ARG C 77 9.13 21.91 4.36
C ARG C 77 8.16 21.47 5.47
N PHE C 78 7.32 22.39 5.90
CA PHE C 78 6.42 22.15 7.04
C PHE C 78 4.95 22.22 6.64
N VAL C 79 4.10 21.54 7.40
CA VAL C 79 2.66 21.65 7.21
C VAL C 79 2.08 22.62 8.24
N LEU C 80 0.89 23.12 7.95
CA LEU C 80 0.22 24.04 8.87
C LEU C 80 -1.30 23.87 8.80
N TYR C 81 -1.92 23.57 9.94
CA TYR C 81 -3.37 23.43 10.02
C TYR C 81 -3.94 24.29 11.13
N LYS C 82 -5.23 24.60 11.03
CA LYS C 82 -5.93 25.34 12.07
C LYS C 82 -7.28 24.71 12.38
N VAL C 83 -7.51 24.40 13.65
CA VAL C 83 -8.83 23.98 14.10
C VAL C 83 -9.28 24.89 15.23
N ASP C 84 -10.30 25.71 14.95
CA ASP C 84 -10.73 26.76 15.86
C ASP C 84 -9.55 27.60 16.33
N HIS C 85 -9.32 27.66 17.65
CA HIS C 85 -8.29 28.52 18.20
C HIS C 85 -6.91 27.88 18.24
N ILE C 86 -6.75 26.75 17.53
CA ILE C 86 -5.48 26.01 17.57
C ILE C 86 -4.80 25.93 16.22
N LEU C 87 -3.52 26.27 16.19
CA LEU C 87 -2.67 26.01 15.03
C LEU C 87 -1.90 24.71 15.22
N PHE C 88 -1.69 23.98 14.13
CA PHE C 88 -0.93 22.74 14.14
C PHE C 88 0.20 22.84 13.10
N ALA C 89 1.40 22.42 13.47
CA ALA C 89 2.53 22.42 12.54
C ALA C 89 3.56 21.39 12.93
N ASP C 90 4.32 20.89 11.96
CA ASP C 90 5.43 20.00 12.28
C ASP C 90 6.73 20.80 12.27
N HIS C 91 7.82 20.19 12.69
CA HIS C 91 9.08 20.92 12.83
C HIS C 91 10.31 20.04 12.63
N GLY C 92 10.13 18.87 12.05
CA GLY C 92 11.24 17.96 11.82
C GLY C 92 11.92 17.53 13.11
N MET C 93 13.22 17.25 13.03
CA MET C 93 13.97 16.80 14.19
C MET C 93 15.20 17.67 14.42
N GLY C 94 15.41 18.08 15.67
CA GLY C 94 16.60 18.84 16.02
C GLY C 94 16.36 20.33 16.23
N ILE C 95 17.14 20.91 17.14
CA ILE C 95 17.03 22.34 17.49
C ILE C 95 17.07 23.30 16.29
N PRO C 96 18.02 23.10 15.35
CA PRO C 96 18.03 24.03 14.22
C PRO C 96 16.75 24.00 13.38
N SER C 97 16.21 22.81 13.12
CA SER C 97 14.98 22.70 12.33
C SER C 97 13.79 23.27 13.11
N ALA C 98 13.79 23.08 14.42
CA ALA C 98 12.74 23.61 15.28
C ALA C 98 12.75 25.15 15.28
N LEU C 99 13.95 25.73 15.36
CA LEU C 99 14.11 27.18 15.33
C LEU C 99 13.52 27.80 14.07
N ILE C 100 13.62 27.06 12.96
CA ILE C 100 13.06 27.51 11.70
C ILE C 100 11.54 27.68 11.82
N MET C 101 10.89 26.65 12.35
CA MET C 101 9.45 26.71 12.60
C MET C 101 9.14 27.80 13.61
N LEU C 102 9.99 27.92 14.64
CA LEU C 102 9.75 28.89 15.70
C LEU C 102 9.82 30.34 15.21
N HIS C 103 10.79 30.65 14.36
CA HIS C 103 10.90 32.01 13.83
C HIS C 103 9.71 32.37 12.97
N GLU C 104 9.31 31.45 12.08
CA GLU C 104 8.31 31.78 11.08
C GLU C 104 6.90 31.78 11.67
N VAL C 105 6.63 30.89 12.61
CA VAL C 105 5.32 30.86 13.26
C VAL C 105 5.13 32.04 14.21
N THR C 106 6.16 32.39 14.97
CA THR C 106 6.03 33.52 15.89
C THR C 106 5.89 34.84 15.13
N LYS C 107 6.56 34.93 13.98
CA LYS C 107 6.37 36.09 13.10
C LYS C 107 4.94 36.13 12.56
N LEU C 108 4.41 34.96 12.21
CA LEU C 108 3.02 34.84 11.77
C LEU C 108 2.07 35.29 12.88
N LEU C 109 2.35 34.86 14.10
CA LEU C 109 1.51 35.21 15.24
C LEU C 109 1.51 36.71 15.49
N HIS C 110 2.67 37.33 15.29
CA HIS C 110 2.79 38.77 15.50
C HIS C 110 2.02 39.54 14.43
N TYR C 111 2.13 39.10 13.19
CA TYR C 111 1.40 39.73 12.09
C TYR C 111 -0.10 39.58 12.27
N ALA C 112 -0.51 38.54 12.97
CA ALA C 112 -1.91 38.26 13.22
C ALA C 112 -2.44 38.98 14.45
N GLY C 113 -1.54 39.61 15.20
CA GLY C 113 -1.91 40.26 16.43
C GLY C 113 -2.20 39.28 17.56
N CYS C 114 -1.58 38.10 17.49
CA CYS C 114 -1.75 37.11 18.55
C CYS C 114 -0.78 37.37 19.70
N LYS C 115 -1.30 37.35 20.91
CA LYS C 115 -0.49 37.63 22.09
C LYS C 115 -0.58 36.52 23.12
N ASP C 116 0.53 36.25 23.81
CA ASP C 116 0.60 35.27 24.89
C ASP C 116 0.02 33.91 24.49
N VAL C 117 0.54 33.36 23.40
CA VAL C 117 0.08 32.07 22.87
C VAL C 117 0.84 30.92 23.51
N LEU C 118 0.16 29.80 23.71
CA LEU C 118 0.80 28.61 24.26
C LEU C 118 1.25 27.65 23.16
N PHE C 119 2.56 27.40 23.11
CA PHE C 119 3.12 26.37 22.24
C PHE C 119 3.18 25.04 22.98
N ILE C 120 2.65 23.99 22.35
CA ILE C 120 2.64 22.67 22.97
C ILE C 120 3.32 21.66 22.05
N ARG C 121 4.50 21.20 22.44
CA ARG C 121 5.21 20.18 21.68
C ARG C 121 4.74 18.79 22.11
N LEU C 122 4.20 18.04 21.16
CA LEU C 122 3.73 16.69 21.40
C LEU C 122 4.75 15.70 20.86
N GLY C 123 5.69 15.27 21.69
CA GLY C 123 6.83 14.56 21.15
C GLY C 123 7.01 13.10 21.55
N THR C 124 8.08 12.51 21.06
CA THR C 124 8.54 11.21 21.53
C THR C 124 9.95 11.42 22.06
N SER C 125 10.38 10.54 22.94
CA SER C 125 11.63 10.73 23.66
C SER C 125 12.11 9.41 24.24
N GLY C 126 13.34 9.40 24.75
CA GLY C 126 13.83 8.27 25.52
C GLY C 126 13.58 8.55 26.98
N GLY C 127 13.08 7.57 27.72
CA GLY C 127 12.83 7.76 29.13
C GLY C 127 14.05 7.40 29.95
N LEU C 128 14.24 8.10 31.07
CA LEU C 128 15.27 7.73 32.04
C LEU C 128 14.60 7.23 33.32
N GLY C 129 14.65 5.93 33.54
CA GLY C 129 14.13 5.35 34.78
C GLY C 129 12.63 5.30 34.85
N VAL C 130 11.97 5.36 33.69
CA VAL C 130 10.52 5.18 33.62
C VAL C 130 10.21 4.20 32.49
N LYS C 131 9.04 3.57 32.55
CA LYS C 131 8.72 2.54 31.56
C LYS C 131 8.27 3.16 30.24
N PRO C 132 8.55 2.49 29.11
CA PRO C 132 8.13 2.97 27.80
C PRO C 132 6.62 3.20 27.74
N GLY C 133 6.20 4.26 27.05
CA GLY C 133 4.79 4.60 26.97
C GLY C 133 4.37 5.58 28.04
N THR C 134 5.30 5.99 28.88
CA THR C 134 5.05 6.99 29.92
C THR C 134 4.99 8.40 29.32
N ILE C 135 4.07 9.22 29.80
CA ILE C 135 4.06 10.62 29.41
C ILE C 135 4.93 11.42 30.37
N VAL C 136 5.87 12.18 29.82
CA VAL C 136 6.66 13.08 30.64
C VAL C 136 6.32 14.53 30.33
N LEU C 137 5.83 15.24 31.35
CA LEU C 137 5.60 16.67 31.28
C LEU C 137 6.87 17.39 31.73
N SER C 138 7.53 18.09 30.80
CA SER C 138 8.77 18.78 31.12
C SER C 138 8.56 19.94 32.09
N ASP C 139 9.27 19.93 33.22
CA ASP C 139 9.24 21.10 34.10
C ASP C 139 10.51 21.93 33.93
N ARG C 140 11.41 21.42 33.09
CA ARG C 140 12.61 22.14 32.69
C ARG C 140 13.18 21.52 31.43
N CYS C 141 13.76 22.35 30.57
CA CYS C 141 14.48 21.85 29.40
C CYS C 141 15.95 22.26 29.53
N VAL C 142 16.84 21.27 29.51
CA VAL C 142 18.27 21.53 29.66
C VAL C 142 19.05 20.94 28.51
N ASN C 143 20.31 21.35 28.37
CA ASN C 143 21.17 20.82 27.33
C ASN C 143 21.86 19.54 27.80
N THR C 144 22.84 19.09 27.02
CA THR C 144 23.57 17.87 27.35
C THR C 144 24.53 18.10 28.51
N LYS C 145 24.75 19.37 28.85
CA LYS C 145 25.52 19.72 30.04
C LYS C 145 24.59 20.01 31.21
N LEU C 146 23.30 19.75 31.00
CA LEU C 146 22.26 19.88 32.03
C LEU C 146 22.02 21.34 32.44
N GLU C 147 22.39 22.27 31.58
CA GLU C 147 22.15 23.68 31.83
C GLU C 147 20.80 24.08 31.26
N PRO C 148 19.98 24.77 32.08
CA PRO C 148 18.64 25.21 31.65
C PRO C 148 18.71 26.37 30.65
N TYR C 149 19.50 26.19 29.60
CA TYR C 149 19.73 27.25 28.62
C TYR C 149 19.76 26.69 27.21
N ASN C 150 19.39 27.52 26.24
CA ASN C 150 19.65 27.19 24.84
C ASN C 150 20.86 27.97 24.35
N GLU C 151 21.89 27.25 23.90
CA GLU C 151 23.10 27.90 23.41
C GLU C 151 22.97 28.23 21.93
N LEU C 152 23.43 29.43 21.56
CA LEU C 152 23.46 29.83 20.17
C LEU C 152 24.80 30.49 19.87
N CYS C 153 25.15 30.54 18.60
CA CYS C 153 26.35 31.25 18.20
C CYS C 153 25.98 32.30 17.18
N ILE C 154 25.79 33.53 17.67
CA ILE C 154 25.25 34.64 16.89
C ILE C 154 26.36 35.61 16.52
N LEU C 155 26.55 35.81 15.23
CA LEU C 155 27.65 36.63 14.71
C LEU C 155 28.99 36.13 15.24
N GLY C 156 29.13 34.81 15.34
CA GLY C 156 30.37 34.19 15.76
C GLY C 156 30.60 34.24 17.26
N LYS C 157 29.63 34.76 18.00
CA LYS C 157 29.77 34.93 19.44
C LYS C 157 28.76 34.08 20.22
N PRO C 158 29.20 33.47 21.33
CA PRO C 158 28.34 32.60 22.12
C PRO C 158 27.25 33.38 22.86
N VAL C 159 26.01 32.91 22.75
CA VAL C 159 24.89 33.51 23.46
C VAL C 159 24.08 32.42 24.14
N ARG C 160 23.60 32.69 25.35
CA ARG C 160 22.83 31.72 26.11
C ARG C 160 21.44 32.28 26.43
N ARG C 161 20.42 31.44 26.31
CA ARG C 161 19.05 31.88 26.54
C ARG C 161 18.33 30.95 27.51
N GLN C 162 17.84 31.53 28.60
CA GLN C 162 17.12 30.76 29.61
C GLN C 162 15.95 30.04 28.98
N THR C 163 15.72 28.81 29.41
CA THR C 163 14.56 28.05 28.97
C THR C 163 13.45 28.19 30.01
N ILE C 164 12.29 28.65 29.56
CA ILE C 164 11.17 28.84 30.45
C ILE C 164 10.00 27.95 30.04
N VAL C 165 9.64 27.03 30.92
CA VAL C 165 8.45 26.22 30.72
C VAL C 165 7.27 26.84 31.47
N ASP C 166 6.13 26.91 30.79
CA ASP C 166 4.90 27.35 31.43
C ASP C 166 4.50 26.34 32.51
N LEU C 167 5.07 26.49 33.70
CA LEU C 167 4.89 25.52 34.76
C LEU C 167 3.46 25.47 35.28
N ASN C 168 2.75 26.58 35.15
CA ASN C 168 1.34 26.64 35.54
C ASN C 168 0.51 25.66 34.72
N THR C 169 0.78 25.64 33.42
CA THR C 169 0.08 24.74 32.50
C THR C 169 0.48 23.30 32.76
N VAL C 170 1.75 23.08 33.06
CA VAL C 170 2.24 21.74 33.38
C VAL C 170 1.51 21.18 34.60
N ASN C 171 1.35 22.00 35.63
CA ASN C 171 0.62 21.59 36.82
C ASN C 171 -0.82 21.20 36.51
N GLU C 172 -1.48 22.01 35.66
CA GLU C 172 -2.85 21.73 35.26
C GLU C 172 -2.98 20.41 34.50
N LEU C 173 -2.00 20.13 33.64
CA LEU C 173 -2.01 18.89 32.87
C LEU C 173 -1.84 17.67 33.77
N LYS C 174 -0.97 17.80 34.77
CA LYS C 174 -0.74 16.71 35.71
C LYS C 174 -2.03 16.41 36.48
N LYS C 175 -2.72 17.47 36.90
CA LYS C 175 -3.98 17.34 37.61
C LYS C 175 -5.05 16.71 36.73
N LEU C 176 -5.15 17.17 35.48
CA LEU C 176 -6.10 16.62 34.53
C LEU C 176 -5.89 15.12 34.32
N SER C 177 -4.63 14.72 34.23
CA SER C 177 -4.29 13.32 34.00
C SER C 177 -4.69 12.45 35.19
N LEU C 182 -6.44 6.76 30.83
CA LEU C 182 -5.14 6.59 30.21
C LEU C 182 -4.48 5.30 30.66
N GLU C 183 -3.77 4.66 29.75
CA GLU C 183 -3.14 3.37 30.04
C GLU C 183 -1.67 3.54 30.37
N CYS C 184 -1.31 4.68 30.96
CA CYS C 184 0.09 5.00 31.22
C CYS C 184 0.27 5.87 32.44
N SER C 185 1.53 6.04 32.85
CA SER C 185 1.87 6.96 33.92
C SER C 185 2.17 8.35 33.35
N VAL C 186 1.93 9.38 34.16
CA VAL C 186 2.25 10.74 33.77
C VAL C 186 3.22 11.33 34.79
N VAL C 187 4.41 11.69 34.34
CA VAL C 187 5.49 12.13 35.20
C VAL C 187 5.93 13.56 34.88
N VAL C 188 6.10 14.37 35.92
CA VAL C 188 6.68 15.69 35.76
C VAL C 188 8.18 15.63 36.05
N GLY C 189 8.99 15.99 35.06
CA GLY C 189 10.44 15.89 35.21
C GLY C 189 11.21 16.75 34.21
N GLY C 190 12.53 16.70 34.30
CA GLY C 190 13.38 17.48 33.41
C GLY C 190 13.61 16.79 32.08
N THR C 191 13.98 17.57 31.07
CA THR C 191 14.14 17.03 29.73
C THR C 191 15.41 17.52 29.07
N ILE C 192 16.29 16.59 28.70
CA ILE C 192 17.50 16.93 27.96
C ILE C 192 17.19 17.08 26.47
N ALA C 193 17.69 18.15 25.87
CA ALA C 193 17.63 18.31 24.42
C ALA C 193 19.02 18.07 23.84
N ALA C 194 19.12 17.14 22.88
CA ALA C 194 20.41 16.79 22.30
C ALA C 194 20.47 17.08 20.80
N ASN C 195 21.68 17.33 20.32
CA ASN C 195 21.91 17.67 18.91
C ASN C 195 22.24 16.45 18.06
N ASP C 196 21.68 15.31 18.45
CA ASP C 196 21.96 14.02 17.84
C ASP C 196 20.97 13.04 18.42
N PHE C 197 20.70 11.93 17.73
CA PHE C 197 19.88 10.87 18.30
C PHE C 197 20.77 9.83 18.97
N TYR C 198 22.01 9.74 18.53
CA TYR C 198 22.89 8.64 18.95
C TYR C 198 23.95 9.07 19.95
N GLU C 199 25.05 9.63 19.47
CA GLU C 199 26.20 9.86 20.35
C GLU C 199 25.91 10.87 21.45
N GLU C 200 25.25 11.98 21.13
CA GLU C 200 24.97 12.98 22.16
C GLU C 200 23.92 12.50 23.18
N GLN C 201 23.17 11.46 22.81
CA GLN C 201 22.19 10.89 23.72
C GLN C 201 22.77 9.69 24.48
N GLY C 202 24.06 9.42 24.28
CA GLY C 202 24.73 8.36 25.00
C GLY C 202 24.41 6.97 24.50
N ARG C 203 23.93 6.87 23.27
CA ARG C 203 23.62 5.59 22.66
C ARG C 203 24.88 4.82 22.28
N LEU C 204 24.86 3.51 22.49
CA LEU C 204 25.99 2.65 22.16
C LEU C 204 25.85 2.09 20.74
N ASP C 205 24.70 2.31 20.11
CA ASP C 205 24.38 1.65 18.86
C ASP C 205 24.39 2.57 17.64
N GLY C 206 25.22 3.61 17.68
CA GLY C 206 25.40 4.47 16.53
C GLY C 206 26.46 3.90 15.59
N SER C 207 26.72 4.62 14.50
CA SER C 207 27.77 4.22 13.55
C SER C 207 29.14 4.51 14.12
N ILE C 208 29.17 5.40 15.11
CA ILE C 208 30.37 5.76 15.83
C ILE C 208 30.05 5.75 17.31
N CYS C 209 30.95 5.22 18.14
CA CYS C 209 30.77 5.28 19.58
C CYS C 209 32.12 5.22 20.28
N THR C 210 32.44 6.27 21.02
CA THR C 210 33.76 6.39 21.64
C THR C 210 33.73 6.16 23.14
N PHE C 211 32.64 5.61 23.64
CA PHE C 211 32.50 5.40 25.08
C PHE C 211 31.97 4.01 25.42
N SER C 212 32.02 3.68 26.71
CA SER C 212 31.61 2.37 27.21
C SER C 212 30.20 2.40 27.77
N LYS C 213 29.66 1.23 28.09
CA LYS C 213 28.34 1.16 28.72
C LYS C 213 28.36 1.88 30.05
N GLU C 214 29.45 1.73 30.79
CA GLU C 214 29.56 2.34 32.11
C GLU C 214 29.60 3.86 32.02
N GLU C 215 30.26 4.38 30.98
CA GLU C 215 30.31 5.82 30.76
C GLU C 215 28.96 6.34 30.26
N LYS C 216 28.27 5.52 29.49
CA LYS C 216 26.89 5.86 29.08
C LYS C 216 26.01 6.00 30.31
N LEU C 217 25.98 4.96 31.13
CA LEU C 217 25.12 4.93 32.30
C LEU C 217 25.47 6.04 33.28
N ALA C 218 26.77 6.36 33.37
CA ALA C 218 27.22 7.43 34.25
C ALA C 218 26.63 8.76 33.80
N PHE C 219 26.62 8.97 32.50
CA PHE C 219 26.05 10.16 31.88
C PHE C 219 24.55 10.25 32.17
N LEU C 220 23.85 9.12 32.05
CA LEU C 220 22.41 9.08 32.24
C LEU C 220 22.00 9.07 33.71
N GLN C 221 22.79 8.40 34.54
CA GLN C 221 22.53 8.38 35.97
C GLN C 221 22.75 9.76 36.58
N SER C 222 23.79 10.45 36.09
CA SER C 222 24.08 11.81 36.51
C SER C 222 22.93 12.74 36.12
N ALA C 223 22.38 12.52 34.93
CA ALA C 223 21.22 13.28 34.48
C ALA C 223 20.02 12.96 35.35
N TYR C 224 19.79 11.67 35.60
CA TYR C 224 18.65 11.23 36.39
C TYR C 224 18.70 11.81 37.80
N GLU C 225 19.89 11.81 38.40
CA GLU C 225 20.07 12.32 39.75
C GLU C 225 19.74 13.81 39.83
N HIS C 226 19.85 14.50 38.70
CA HIS C 226 19.52 15.92 38.63
C HIS C 226 18.07 16.13 38.16
N GLY C 227 17.25 15.09 38.27
CA GLY C 227 15.83 15.21 38.01
C GLY C 227 15.35 14.93 36.59
N ILE C 228 16.29 14.73 35.65
CA ILE C 228 15.93 14.44 34.26
C ILE C 228 15.16 13.13 34.13
N ARG C 229 14.08 13.13 33.37
CA ARG C 229 13.28 11.92 33.20
C ARG C 229 13.09 11.52 31.73
N ASN C 230 13.45 12.40 30.82
CA ASN C 230 13.46 12.03 29.41
C ASN C 230 14.43 12.86 28.60
N MET C 231 14.56 12.50 27.32
CA MET C 231 15.57 13.08 26.45
C MET C 231 15.07 13.13 25.01
N GLU C 232 15.12 14.31 24.41
CA GLU C 232 14.72 14.48 23.02
C GLU C 232 15.65 15.49 22.34
N MET C 233 15.18 16.19 21.31
CA MET C 233 16.11 16.97 20.49
C MET C 233 15.74 18.44 20.23
N GLU C 234 14.64 18.91 20.82
CA GLU C 234 14.14 20.27 20.53
C GLU C 234 13.81 21.16 21.72
N GLY C 235 13.70 20.58 22.91
CA GLY C 235 13.08 21.26 24.04
C GLY C 235 13.66 22.63 24.39
N THR C 236 14.98 22.73 24.38
CA THR C 236 15.64 23.98 24.76
C THR C 236 15.39 25.09 23.75
N ALA C 237 15.13 24.72 22.50
CA ALA C 237 14.83 25.70 21.46
C ALA C 237 13.44 26.28 21.67
N ILE C 238 12.47 25.40 21.89
CA ILE C 238 11.09 25.82 22.05
C ILE C 238 10.92 26.71 23.29
N THR C 239 11.43 26.25 24.42
CA THR C 239 11.16 26.89 25.70
C THR C 239 12.02 28.14 25.96
N SER C 240 12.98 28.39 25.09
CA SER C 240 13.78 29.61 25.20
C SER C 240 13.22 30.67 24.25
N HIS C 241 12.88 30.23 23.05
CA HIS C 241 12.39 31.13 22.01
C HIS C 241 11.04 31.75 22.35
N CYS C 242 10.10 30.92 22.80
CA CYS C 242 8.75 31.40 23.09
C CYS C 242 8.76 32.44 24.19
N TYR C 243 9.51 32.18 25.27
CA TYR C 243 9.61 33.15 26.37
C TYR C 243 10.16 34.49 25.88
N LEU C 244 11.09 34.44 24.93
CA LEU C 244 11.73 35.65 24.43
C LEU C 244 10.81 36.42 23.47
N THR C 245 9.84 35.74 22.90
CA THR C 245 8.91 36.39 21.97
C THR C 245 7.52 36.61 22.57
N GLY C 246 7.44 36.59 23.90
CA GLY C 246 6.21 36.92 24.59
C GLY C 246 5.17 35.82 24.63
N HIS C 247 5.60 34.59 24.39
CA HIS C 247 4.68 33.45 24.41
C HIS C 247 5.08 32.40 25.44
N ARG C 248 4.25 31.38 25.59
CA ARG C 248 4.49 30.31 26.54
C ARG C 248 4.74 29.00 25.82
N ALA C 249 5.46 28.09 26.46
CA ALA C 249 5.77 26.81 25.83
C ALA C 249 5.83 25.69 26.85
N ILE C 250 5.33 24.52 26.45
CA ILE C 250 5.47 23.30 27.24
C ILE C 250 5.81 22.11 26.35
N LEU C 251 6.41 21.08 26.94
CA LEU C 251 6.65 19.82 26.24
C LEU C 251 5.85 18.71 26.87
N VAL C 252 5.12 17.97 26.04
CA VAL C 252 4.42 16.78 26.46
C VAL C 252 4.88 15.62 25.60
N CYS C 253 5.82 14.83 26.09
CA CYS C 253 6.42 13.76 25.29
C CYS C 253 6.21 12.37 25.90
N VAL C 254 5.91 11.40 25.04
CA VAL C 254 5.88 10.01 25.46
C VAL C 254 7.28 9.43 25.37
N THR C 255 7.54 8.38 26.15
CA THR C 255 8.83 7.71 26.09
C THR C 255 8.71 6.44 25.27
N ALA C 256 9.75 6.11 24.50
CA ALA C 256 9.68 5.00 23.57
C ALA C 256 10.59 3.85 23.98
N VAL C 257 11.41 4.12 25.00
CA VAL C 257 12.38 3.16 25.50
C VAL C 257 12.87 3.65 26.85
N ASN C 258 13.24 2.72 27.73
CA ASN C 258 13.94 3.10 28.95
C ASN C 258 15.44 3.07 28.68
N ARG C 259 16.04 4.25 28.58
CA ARG C 259 17.44 4.37 28.21
C ARG C 259 18.40 3.81 29.26
N LEU C 260 17.90 3.59 30.48
CA LEU C 260 18.72 2.98 31.51
C LEU C 260 18.81 1.47 31.28
N GLU C 261 17.95 0.97 30.39
CA GLU C 261 17.91 -0.45 30.08
C GLU C 261 18.44 -0.76 28.68
N GLY C 262 18.42 0.24 27.79
CA GLY C 262 18.90 0.02 26.43
C GLY C 262 18.79 1.22 25.52
N ASP C 263 19.14 1.03 24.25
CA ASP C 263 19.15 2.13 23.28
C ASP C 263 18.16 1.90 22.14
N GLN C 264 18.09 0.66 21.67
CA GLN C 264 17.25 0.31 20.53
C GLN C 264 15.77 0.55 20.81
N ILE C 265 15.06 1.06 19.81
CA ILE C 265 13.59 1.15 19.89
C ILE C 265 13.03 -0.18 19.40
N THR C 266 12.71 -1.06 20.35
CA THR C 266 12.37 -2.43 19.99
C THR C 266 10.86 -2.66 19.89
N ILE C 267 10.08 -1.70 20.40
CA ILE C 267 8.63 -1.83 20.32
C ILE C 267 8.19 -1.74 18.87
N SER C 268 7.08 -2.40 18.55
CA SER C 268 6.59 -2.46 17.18
C SER C 268 6.23 -1.08 16.65
N THR C 269 6.14 -0.98 15.33
CA THR C 269 5.71 0.26 14.69
C THR C 269 4.30 0.64 15.16
N ASP C 270 3.42 -0.36 15.23
CA ASP C 270 2.07 -0.11 15.69
C ASP C 270 2.03 0.34 17.16
N GLU C 271 2.86 -0.27 17.99
CA GLU C 271 2.87 0.12 19.39
C GLU C 271 3.48 1.50 19.57
N PHE C 272 4.51 1.80 18.78
CA PHE C 272 5.11 3.13 18.81
C PHE C 272 4.06 4.18 18.47
N THR C 273 3.30 3.90 17.41
CA THR C 273 2.24 4.80 16.97
C THR C 273 1.21 5.00 18.08
N LEU C 274 0.86 3.92 18.76
CA LEU C 274 -0.06 3.96 19.90
C LEU C 274 0.49 4.86 21.01
N PHE C 275 1.75 4.64 21.40
CA PHE C 275 2.39 5.45 22.43
C PHE C 275 2.45 6.93 22.05
N ALA C 276 2.79 7.19 20.80
CA ALA C 276 2.99 8.57 20.33
C ALA C 276 1.68 9.36 20.29
N GLN C 277 0.55 8.66 20.40
CA GLN C 277 -0.75 9.33 20.43
C GLN C 277 -1.18 9.69 21.84
N ARG C 278 -0.47 9.16 22.83
CA ARG C 278 -0.83 9.39 24.23
C ARG C 278 -0.72 10.86 24.66
N PRO C 279 0.35 11.58 24.26
CA PRO C 279 0.34 13.02 24.59
C PRO C 279 -0.89 13.74 24.07
N GLY C 280 -1.32 13.42 22.85
CA GLY C 280 -2.52 14.01 22.29
C GLY C 280 -3.80 13.69 23.04
N GLN C 281 -3.87 12.50 23.64
CA GLN C 281 -5.03 12.12 24.44
C GLN C 281 -5.17 13.06 25.63
N LEU C 282 -4.07 13.30 26.33
CA LEU C 282 -4.07 14.22 27.45
C LEU C 282 -4.30 15.66 27.00
N VAL C 283 -3.54 16.09 26.01
CA VAL C 283 -3.57 17.49 25.57
C VAL C 283 -4.88 17.82 24.86
N GLY C 284 -5.39 16.88 24.07
CA GLY C 284 -6.67 17.04 23.40
C GLY C 284 -7.80 17.33 24.38
N GLU C 285 -7.85 16.60 25.49
CA GLU C 285 -8.87 16.84 26.49
C GLU C 285 -8.66 18.22 27.12
N TYR C 286 -7.40 18.57 27.36
CA TYR C 286 -7.07 19.90 27.89
C TYR C 286 -7.60 21.00 26.96
N LEU C 287 -7.37 20.83 25.67
CA LEU C 287 -7.78 21.82 24.68
C LEU C 287 -9.30 21.95 24.61
N LYS C 288 -9.99 20.82 24.74
CA LYS C 288 -11.45 20.81 24.76
C LYS C 288 -11.97 21.57 25.98
N ARG C 289 -11.29 21.40 27.11
CA ARG C 289 -11.71 22.02 28.37
C ARG C 289 -11.42 23.52 28.43
N ASN C 290 -10.31 23.95 27.82
CA ASN C 290 -9.86 25.32 27.98
C ASN C 290 -9.95 26.16 26.70
N ASN C 291 -10.98 25.91 25.90
CA ASN C 291 -11.34 26.75 24.75
C ASN C 291 -10.34 26.72 23.59
N GLY C 292 -9.62 25.61 23.47
CA GLY C 292 -8.78 25.40 22.30
C GLY C 292 -9.70 25.23 21.10
N ILE C 293 -10.73 24.42 21.29
CA ILE C 293 -11.81 24.30 20.33
C ILE C 293 -13.06 24.90 20.94
N ILE C 294 -14.00 25.32 20.10
CA ILE C 294 -15.30 25.75 20.57
C ILE C 294 -16.17 24.51 20.78
N VAL C 295 -16.62 24.32 22.02
CA VAL C 295 -17.41 23.14 22.37
C VAL C 295 -18.89 23.36 22.08
N VAL D 8 35.70 1.26 14.04
CA VAL D 8 34.31 0.84 14.00
C VAL D 8 33.74 0.71 15.42
N ASN D 9 32.43 0.60 15.51
CA ASN D 9 31.74 0.52 16.78
C ASN D 9 31.42 -0.91 17.18
N SER D 10 32.28 -1.50 18.02
CA SER D 10 32.16 -2.91 18.37
C SER D 10 30.92 -3.22 19.19
N HIS D 11 30.28 -2.18 19.74
CA HIS D 11 29.05 -2.37 20.51
C HIS D 11 27.93 -2.97 19.66
N LEU D 12 28.01 -2.75 18.34
CA LEU D 12 27.01 -3.27 17.42
C LEU D 12 26.95 -4.79 17.45
N SER D 13 28.07 -5.43 17.80
CA SER D 13 28.12 -6.88 17.93
C SER D 13 27.16 -7.40 19.01
N GLU D 14 26.82 -6.56 19.98
CA GLU D 14 25.95 -6.97 21.08
C GLU D 14 24.50 -7.20 20.61
N LEU D 15 24.13 -6.56 19.50
CA LEU D 15 22.79 -6.72 18.94
C LEU D 15 22.60 -8.03 18.19
N ASP D 16 21.40 -8.61 18.27
CA ASP D 16 21.03 -9.73 17.41
C ASP D 16 20.40 -9.17 16.14
N GLU D 17 19.76 -8.03 16.31
CA GLU D 17 19.04 -7.35 15.25
C GLU D 17 19.23 -5.86 15.45
N ASP D 18 19.46 -5.12 14.37
CA ASP D 18 19.59 -3.67 14.49
C ASP D 18 18.36 -3.01 13.90
N VAL D 19 17.68 -2.22 14.73
CA VAL D 19 16.50 -1.48 14.30
C VAL D 19 16.91 -0.09 13.84
N PHE D 20 16.76 0.17 12.53
CA PHE D 20 16.99 1.51 12.00
C PHE D 20 15.74 2.34 12.19
N HIS D 21 15.61 2.90 13.38
CA HIS D 21 14.36 3.51 13.82
C HIS D 21 13.79 4.55 12.85
N HIS D 22 14.66 5.38 12.27
CA HIS D 22 14.16 6.50 11.47
C HIS D 22 13.96 6.13 10.00
N PHE D 23 14.42 4.94 9.62
CA PHE D 23 14.14 4.41 8.29
C PHE D 23 13.08 3.31 8.33
N GLY D 24 12.63 2.96 9.53
CA GLY D 24 11.55 2.02 9.69
C GLY D 24 11.79 0.61 9.16
N PHE D 25 13.03 0.16 9.20
CA PHE D 25 13.30 -1.26 8.95
C PHE D 25 14.43 -1.76 9.85
N THR D 26 14.71 -3.06 9.76
CA THR D 26 15.73 -3.68 10.60
C THR D 26 16.64 -4.57 9.74
N THR D 27 17.70 -5.12 10.34
CA THR D 27 18.61 -6.01 9.63
C THR D 27 17.97 -7.34 9.22
N LYS D 28 16.76 -7.58 9.72
CA LYS D 28 16.03 -8.78 9.34
C LYS D 28 15.04 -8.48 8.23
N SER D 29 14.86 -7.19 7.91
CA SER D 29 13.97 -6.79 6.84
C SER D 29 14.48 -7.24 5.47
N PHE D 30 15.80 -7.21 5.28
CA PHE D 30 16.42 -7.69 4.03
C PHE D 30 17.77 -8.35 4.27
N ASP D 31 18.30 -8.97 3.22
CA ASP D 31 19.69 -9.38 3.20
C ASP D 31 20.51 -8.15 2.79
N PHE D 32 21.19 -7.56 3.76
CA PHE D 32 21.82 -6.27 3.53
C PHE D 32 22.95 -6.36 2.50
N LYS D 33 23.69 -7.46 2.54
CA LYS D 33 24.77 -7.68 1.57
C LYS D 33 24.23 -7.81 0.16
N GLU D 34 23.17 -8.60 0.00
CA GLU D 34 22.53 -8.77 -1.31
C GLU D 34 21.93 -7.48 -1.83
N LYS D 35 21.16 -6.80 -0.99
CA LYS D 35 20.37 -5.67 -1.43
C LYS D 35 21.18 -4.38 -1.60
N PHE D 36 22.15 -4.15 -0.73
CA PHE D 36 22.88 -2.89 -0.73
C PHE D 36 24.37 -3.02 -1.06
N GLY D 37 24.86 -4.25 -1.16
CA GLY D 37 26.28 -4.51 -1.31
C GLY D 37 26.99 -3.79 -2.46
N ASP D 38 26.25 -3.44 -3.50
CA ASP D 38 26.85 -2.85 -4.69
C ASP D 38 26.87 -1.32 -4.66
N VAL D 39 26.38 -0.73 -3.57
CA VAL D 39 26.27 0.72 -3.47
C VAL D 39 27.65 1.38 -3.38
N LYS D 40 27.87 2.40 -4.21
CA LYS D 40 29.12 3.15 -4.21
C LYS D 40 28.88 4.66 -4.06
N PHE D 41 27.62 5.08 -4.22
CA PHE D 41 27.27 6.49 -4.09
C PHE D 41 26.01 6.66 -3.23
N VAL D 42 25.97 7.74 -2.45
CA VAL D 42 24.78 8.09 -1.70
C VAL D 42 24.43 9.57 -1.90
N CYS D 43 23.35 9.82 -2.65
CA CYS D 43 22.91 11.19 -2.90
C CYS D 43 21.85 11.63 -1.88
N VAL D 44 22.11 12.74 -1.20
CA VAL D 44 21.20 13.20 -0.16
C VAL D 44 20.88 14.70 -0.26
N CYS D 45 19.71 15.08 0.26
CA CYS D 45 19.36 16.49 0.39
C CYS D 45 18.22 16.62 1.40
N GLY D 46 17.89 17.85 1.77
CA GLY D 46 16.92 18.09 2.83
C GLY D 46 15.49 17.84 2.44
N SER D 47 15.25 17.68 1.15
CA SER D 47 13.90 17.51 0.63
C SER D 47 13.68 16.11 0.08
N SER D 48 12.66 15.42 0.58
CA SER D 48 12.35 14.09 0.10
C SER D 48 11.89 14.17 -1.35
N GLY D 49 11.10 15.20 -1.65
CA GLY D 49 10.63 15.42 -3.00
C GLY D 49 11.75 15.62 -3.99
N ARG D 50 12.70 16.49 -3.65
CA ARG D 50 13.80 16.82 -4.54
C ARG D 50 14.73 15.63 -4.77
N ILE D 51 15.07 14.92 -3.70
CA ILE D 51 16.03 13.81 -3.83
C ILE D 51 15.39 12.63 -4.57
N HIS D 52 14.08 12.49 -4.40
CA HIS D 52 13.32 11.52 -5.17
C HIS D 52 13.30 11.95 -6.63
N ASN D 53 13.09 13.24 -6.86
CA ASN D 53 13.08 13.78 -8.21
C ASN D 53 14.41 13.56 -8.90
N PHE D 54 15.50 13.66 -8.14
CA PHE D 54 16.83 13.44 -8.69
C PHE D 54 17.04 11.97 -9.01
N ALA D 55 16.50 11.12 -8.15
CA ALA D 55 16.60 9.67 -8.35
C ALA D 55 15.86 9.23 -9.62
N ILE D 56 14.68 9.78 -9.85
CA ILE D 56 13.93 9.45 -11.07
C ILE D 56 14.70 9.91 -12.30
N SER D 57 15.34 11.07 -12.22
CA SER D 57 16.17 11.56 -13.33
C SER D 57 17.34 10.61 -13.58
N MET D 58 17.93 10.09 -12.52
CA MET D 58 19.05 9.15 -12.64
C MET D 58 18.63 7.80 -13.21
N ALA D 59 17.42 7.37 -12.88
CA ALA D 59 16.88 6.13 -13.44
C ALA D 59 16.63 6.28 -14.95
N LYS D 60 16.17 7.46 -15.35
CA LYS D 60 15.99 7.77 -16.77
C LYS D 60 17.31 7.75 -17.52
N LEU D 61 18.34 8.35 -16.91
CA LEU D 61 19.66 8.40 -17.51
C LEU D 61 20.26 7.01 -17.68
N ALA D 62 19.91 6.10 -16.77
CA ALA D 62 20.52 4.78 -16.75
C ALA D 62 19.67 3.74 -17.46
N GLY D 63 18.43 4.10 -17.75
CA GLY D 63 17.57 3.23 -18.52
C GLY D 63 16.70 2.31 -17.69
N LEU D 64 16.52 2.63 -16.42
CA LEU D 64 15.50 1.90 -15.65
C LEU D 64 14.13 2.57 -15.71
N ALA D 65 13.13 1.81 -16.17
CA ALA D 65 11.80 2.37 -16.45
C ALA D 65 10.84 2.17 -15.29
N LEU D 66 11.05 1.09 -14.53
CA LEU D 66 10.23 0.81 -13.36
C LEU D 66 10.26 2.01 -12.42
N PRO D 67 9.15 2.27 -11.72
CA PRO D 67 9.11 3.38 -10.78
C PRO D 67 10.23 3.33 -9.74
N VAL D 68 10.61 4.49 -9.21
CA VAL D 68 11.61 4.57 -8.15
C VAL D 68 10.89 4.62 -6.80
N GLU D 69 10.84 3.49 -6.12
CA GLU D 69 10.00 3.36 -4.93
C GLU D 69 10.79 3.48 -3.62
N ASN D 70 10.10 3.95 -2.58
CA ASN D 70 10.67 4.14 -1.25
C ASN D 70 10.98 2.80 -0.56
N ILE D 71 12.22 2.64 -0.09
CA ILE D 71 12.65 1.44 0.60
C ILE D 71 12.34 1.50 2.09
N ALA D 72 12.25 2.72 2.62
CA ALA D 72 11.96 2.92 4.03
C ALA D 72 10.63 2.30 4.41
N GLY D 73 10.50 1.93 5.68
CA GLY D 73 9.25 1.39 6.21
C GLY D 73 8.19 2.45 6.46
N SER D 74 7.02 2.01 6.90
CA SER D 74 5.82 2.84 6.91
C SER D 74 5.93 4.17 7.66
N HIS D 75 6.34 4.14 8.92
CA HIS D 75 6.36 5.35 9.73
C HIS D 75 7.75 5.96 9.85
N ALA D 76 8.53 5.82 8.79
CA ALA D 76 9.89 6.34 8.78
C ALA D 76 9.89 7.86 8.69
N ARG D 77 10.94 8.47 9.21
CA ARG D 77 11.13 9.91 9.06
C ARG D 77 11.77 10.22 7.71
N PHE D 78 12.52 9.26 7.18
CA PHE D 78 13.29 9.48 5.96
C PHE D 78 12.88 8.53 4.85
N VAL D 79 13.11 8.96 3.61
CA VAL D 79 12.92 8.09 2.46
C VAL D 79 14.27 7.48 2.07
N LEU D 80 14.22 6.38 1.33
CA LEU D 80 15.43 5.72 0.84
C LEU D 80 15.16 5.16 -0.55
N TYR D 81 15.99 5.54 -1.52
CA TYR D 81 15.87 4.98 -2.87
C TYR D 81 17.18 4.36 -3.34
N LYS D 82 17.09 3.47 -4.30
CA LYS D 82 18.27 2.85 -4.90
C LYS D 82 18.18 2.81 -6.42
N VAL D 83 19.17 3.39 -7.08
CA VAL D 83 19.29 3.30 -8.53
C VAL D 83 20.68 2.77 -8.88
N ASP D 84 20.72 1.52 -9.33
CA ASP D 84 21.98 0.84 -9.63
C ASP D 84 22.89 0.88 -8.39
N HIS D 85 24.03 1.54 -8.54
CA HIS D 85 25.01 1.60 -7.45
C HIS D 85 24.84 2.87 -6.62
N ILE D 86 23.69 3.51 -6.73
CA ILE D 86 23.44 4.76 -6.03
C ILE D 86 22.31 4.65 -5.03
N LEU D 87 22.57 5.11 -3.82
CA LEU D 87 21.54 5.23 -2.80
C LEU D 87 21.07 6.68 -2.72
N PHE D 88 19.80 6.88 -2.40
CA PHE D 88 19.22 8.20 -2.26
C PHE D 88 18.47 8.30 -0.94
N ALA D 89 18.65 9.41 -0.22
CA ALA D 89 17.94 9.63 1.03
C ALA D 89 17.79 11.11 1.34
N ASP D 90 16.76 11.47 2.09
CA ASP D 90 16.69 12.84 2.59
C ASP D 90 17.21 12.88 4.03
N HIS D 91 17.32 14.08 4.58
CA HIS D 91 17.91 14.22 5.91
C HIS D 91 17.37 15.42 6.70
N GLY D 92 16.23 15.95 6.25
CA GLY D 92 15.63 17.09 6.92
C GLY D 92 16.51 18.33 6.89
N MET D 93 16.39 19.18 7.90
CA MET D 93 17.20 20.40 7.95
C MET D 93 17.98 20.51 9.25
N GLY D 94 19.25 20.90 9.14
CA GLY D 94 20.09 21.07 10.30
C GLY D 94 21.00 19.88 10.52
N ILE D 95 22.10 20.13 11.24
CA ILE D 95 23.07 19.10 11.62
C ILE D 95 22.47 17.92 12.41
N PRO D 96 21.65 18.18 13.44
CA PRO D 96 21.17 17.02 14.19
C PRO D 96 20.32 16.06 13.35
N SER D 97 19.49 16.59 12.46
CA SER D 97 18.69 15.74 11.59
C SER D 97 19.61 14.97 10.63
N ALA D 98 20.59 15.66 10.08
CA ALA D 98 21.54 15.06 9.15
C ALA D 98 22.33 13.93 9.80
N LEU D 99 22.64 14.07 11.09
CA LEU D 99 23.40 13.04 11.80
C LEU D 99 22.60 11.76 12.01
N ILE D 100 21.29 11.90 12.15
CA ILE D 100 20.43 10.73 12.25
C ILE D 100 20.51 9.94 10.96
N MET D 101 20.39 10.63 9.82
CA MET D 101 20.53 10.01 8.52
C MET D 101 21.91 9.37 8.38
N LEU D 102 22.94 10.14 8.72
CA LEU D 102 24.31 9.69 8.57
C LEU D 102 24.60 8.43 9.38
N HIS D 103 24.15 8.40 10.64
CA HIS D 103 24.38 7.23 11.47
C HIS D 103 23.72 5.97 10.91
N GLU D 104 22.45 6.08 10.52
CA GLU D 104 21.71 4.91 10.10
C GLU D 104 22.16 4.46 8.71
N VAL D 105 22.44 5.40 7.81
CA VAL D 105 22.92 5.03 6.48
C VAL D 105 24.32 4.40 6.53
N THR D 106 25.25 4.99 7.29
CA THR D 106 26.59 4.42 7.30
C THR D 106 26.61 3.04 7.97
N LYS D 107 25.72 2.81 8.94
CA LYS D 107 25.62 1.46 9.49
C LYS D 107 25.10 0.49 8.42
N LEU D 108 24.12 0.94 7.64
CA LEU D 108 23.60 0.14 6.54
C LEU D 108 24.72 -0.24 5.58
N LEU D 109 25.53 0.75 5.20
CA LEU D 109 26.64 0.51 4.27
C LEU D 109 27.61 -0.51 4.84
N HIS D 110 27.92 -0.38 6.13
CA HIS D 110 28.84 -1.28 6.78
C HIS D 110 28.33 -2.72 6.79
N TYR D 111 27.07 -2.88 7.17
CA TYR D 111 26.46 -4.20 7.23
C TYR D 111 26.46 -4.86 5.86
N ALA D 112 26.27 -4.05 4.83
CA ALA D 112 26.23 -4.54 3.45
C ALA D 112 27.63 -4.78 2.90
N GLY D 113 28.65 -4.37 3.64
CA GLY D 113 30.02 -4.56 3.22
C GLY D 113 30.48 -3.54 2.19
N CYS D 114 29.81 -2.39 2.15
CA CYS D 114 30.19 -1.32 1.23
C CYS D 114 31.36 -0.52 1.76
N LYS D 115 32.38 -0.32 0.93
CA LYS D 115 33.54 0.44 1.33
C LYS D 115 33.77 1.62 0.40
N ASP D 116 34.35 2.68 0.95
CA ASP D 116 34.76 3.86 0.19
C ASP D 116 33.63 4.40 -0.68
N VAL D 117 32.50 4.68 -0.03
CA VAL D 117 31.33 5.20 -0.71
C VAL D 117 31.43 6.73 -0.78
N LEU D 118 30.91 7.31 -1.85
CA LEU D 118 30.87 8.76 -1.94
C LEU D 118 29.49 9.32 -1.55
N PHE D 119 29.47 10.14 -0.52
CA PHE D 119 28.26 10.88 -0.16
C PHE D 119 28.26 12.23 -0.85
N ILE D 120 27.16 12.57 -1.49
CA ILE D 120 27.07 13.87 -2.14
C ILE D 120 25.80 14.61 -1.70
N ARG D 121 25.99 15.74 -1.03
CA ARG D 121 24.85 16.54 -0.60
C ARG D 121 24.44 17.56 -1.66
N LEU D 122 23.22 17.41 -2.16
CA LEU D 122 22.66 18.32 -3.16
C LEU D 122 21.76 19.36 -2.51
N GLY D 123 22.36 20.35 -1.86
CA GLY D 123 21.59 21.25 -1.02
C GLY D 123 21.34 22.65 -1.56
N THR D 124 20.64 23.45 -0.75
CA THR D 124 20.45 24.85 -1.08
C THR D 124 21.07 25.67 0.05
N SER D 125 21.46 26.91 -0.26
CA SER D 125 22.16 27.74 0.71
C SER D 125 21.99 29.22 0.39
N GLY D 126 22.60 30.06 1.22
CA GLY D 126 22.65 31.48 0.97
C GLY D 126 24.06 31.85 0.58
N GLY D 127 24.18 32.64 -0.50
CA GLY D 127 25.48 32.96 -1.05
C GLY D 127 26.13 34.19 -0.45
N LEU D 128 27.45 34.26 -0.57
CA LEU D 128 28.21 35.41 -0.11
C LEU D 128 29.02 35.99 -1.26
N GLY D 129 28.52 37.06 -1.87
CA GLY D 129 29.22 37.70 -2.97
C GLY D 129 29.13 36.91 -4.26
N VAL D 130 28.06 36.13 -4.39
CA VAL D 130 27.81 35.38 -5.62
C VAL D 130 26.33 35.50 -5.98
N LYS D 131 26.03 35.52 -7.27
CA LYS D 131 24.66 35.71 -7.72
C LYS D 131 23.78 34.48 -7.45
N PRO D 132 22.48 34.69 -7.21
CA PRO D 132 21.57 33.57 -7.00
C PRO D 132 21.52 32.69 -8.24
N GLY D 133 21.52 31.37 -8.05
CA GLY D 133 21.64 30.44 -9.14
C GLY D 133 23.01 29.78 -9.17
N THR D 134 23.92 30.30 -8.35
CA THR D 134 25.31 29.85 -8.35
C THR D 134 25.50 28.55 -7.58
N ILE D 135 26.17 27.59 -8.22
CA ILE D 135 26.58 26.36 -7.58
C ILE D 135 27.92 26.54 -6.90
N VAL D 136 27.95 26.31 -5.58
CA VAL D 136 29.22 26.40 -4.86
C VAL D 136 29.68 25.02 -4.42
N LEU D 137 30.81 24.60 -4.97
CA LEU D 137 31.46 23.37 -4.56
C LEU D 137 32.34 23.66 -3.37
N SER D 138 31.95 23.17 -2.19
CA SER D 138 32.66 23.50 -0.97
C SER D 138 34.08 22.94 -0.98
N ASP D 139 35.04 23.82 -0.70
CA ASP D 139 36.44 23.42 -0.56
C ASP D 139 36.72 23.21 0.93
N ARG D 140 35.78 23.66 1.75
CA ARG D 140 35.86 23.50 3.19
C ARG D 140 34.54 23.82 3.87
N CYS D 141 34.13 22.93 4.77
CA CYS D 141 32.96 23.16 5.61
C CYS D 141 33.42 23.60 6.98
N VAL D 142 32.92 24.75 7.41
CA VAL D 142 33.43 25.42 8.59
C VAL D 142 32.28 25.89 9.47
N ASN D 143 32.51 26.01 10.78
CA ASN D 143 31.44 26.44 11.67
C ASN D 143 31.30 27.96 11.70
N THR D 144 30.41 28.43 12.57
CA THR D 144 30.08 29.85 12.67
C THR D 144 31.29 30.69 13.12
N LYS D 145 32.15 30.09 13.92
CA LYS D 145 33.37 30.77 14.35
C LYS D 145 34.50 30.57 13.33
N LEU D 146 34.14 30.12 12.14
CA LEU D 146 35.08 29.87 11.03
C LEU D 146 36.06 28.73 11.32
N GLU D 147 35.73 27.87 12.28
CA GLU D 147 36.60 26.76 12.65
C GLU D 147 36.23 25.47 11.89
N PRO D 148 37.25 24.80 11.31
CA PRO D 148 37.06 23.60 10.47
C PRO D 148 36.73 22.34 11.28
N TYR D 149 35.70 22.42 12.10
CA TYR D 149 35.31 21.30 12.94
C TYR D 149 33.80 21.19 13.05
N ASN D 150 33.32 19.97 13.23
CA ASN D 150 31.96 19.77 13.70
C ASN D 150 32.02 19.65 15.22
N GLU D 151 31.27 20.49 15.91
CA GLU D 151 31.23 20.43 17.36
C GLU D 151 30.15 19.46 17.84
N LEU D 152 30.53 18.59 18.76
CA LEU D 152 29.56 17.71 19.39
C LEU D 152 29.72 17.78 20.89
N CYS D 153 28.66 17.43 21.61
CA CYS D 153 28.72 17.34 23.06
C CYS D 153 28.30 15.93 23.46
N ILE D 154 29.29 15.06 23.60
CA ILE D 154 29.04 13.65 23.84
C ILE D 154 29.28 13.29 25.30
N LEU D 155 28.25 12.75 25.95
CA LEU D 155 28.26 12.45 27.38
C LEU D 155 28.55 13.70 28.20
N GLY D 156 28.10 14.85 27.70
CA GLY D 156 28.27 16.10 28.41
C GLY D 156 29.67 16.67 28.31
N LYS D 157 30.47 16.10 27.42
CA LYS D 157 31.83 16.59 27.18
C LYS D 157 32.01 17.02 25.72
N PRO D 158 32.67 18.17 25.50
CA PRO D 158 32.84 18.73 24.16
C PRO D 158 33.80 17.90 23.28
N VAL D 159 33.35 17.64 22.06
CA VAL D 159 34.17 16.95 21.07
C VAL D 159 34.20 17.79 19.79
N ARG D 160 35.34 17.79 19.11
CA ARG D 160 35.44 18.42 17.80
C ARG D 160 35.91 17.39 16.79
N ARG D 161 35.29 17.41 15.61
CA ARG D 161 35.66 16.47 14.55
C ARG D 161 35.99 17.22 13.27
N GLN D 162 37.21 17.02 12.79
CA GLN D 162 37.72 17.76 11.64
C GLN D 162 36.85 17.55 10.40
N THR D 163 36.68 18.61 9.63
CA THR D 163 35.89 18.55 8.41
C THR D 163 36.79 18.30 7.20
N ILE D 164 36.47 17.26 6.45
CA ILE D 164 37.28 16.87 5.30
C ILE D 164 36.41 16.70 4.05
N VAL D 165 36.62 17.57 3.08
CA VAL D 165 35.92 17.47 1.81
C VAL D 165 36.74 16.63 0.83
N ASP D 166 36.06 15.89 -0.03
CA ASP D 166 36.74 15.12 -1.08
C ASP D 166 37.24 16.07 -2.16
N LEU D 167 38.37 16.73 -1.89
CA LEU D 167 38.90 17.76 -2.80
C LEU D 167 39.19 17.22 -4.19
N ASN D 168 39.66 15.98 -4.27
CA ASN D 168 39.91 15.34 -5.57
C ASN D 168 38.64 15.27 -6.41
N THR D 169 37.56 14.80 -5.79
CA THR D 169 36.26 14.76 -6.44
C THR D 169 35.75 16.19 -6.70
N VAL D 170 36.03 17.10 -5.78
CA VAL D 170 35.63 18.49 -5.93
C VAL D 170 36.33 19.12 -7.14
N ASN D 171 37.63 18.90 -7.25
CA ASN D 171 38.40 19.40 -8.40
C ASN D 171 37.91 18.75 -9.68
N GLU D 172 37.58 17.47 -9.60
CA GLU D 172 37.03 16.74 -10.73
C GLU D 172 35.72 17.38 -11.18
N LEU D 173 34.90 17.77 -10.21
CA LEU D 173 33.62 18.40 -10.47
C LEU D 173 33.81 19.77 -11.13
N LYS D 174 34.81 20.51 -10.66
CA LYS D 174 35.14 21.82 -11.21
C LYS D 174 35.60 21.69 -12.66
N LYS D 175 36.42 20.68 -12.94
CA LYS D 175 36.89 20.41 -14.29
C LYS D 175 35.75 19.96 -15.19
N LEU D 176 34.86 19.13 -14.65
CA LEU D 176 33.69 18.67 -15.39
C LEU D 176 32.78 19.85 -15.72
N SER D 177 32.63 20.76 -14.77
CA SER D 177 31.78 21.93 -14.94
C SER D 177 32.32 22.86 -16.03
N GLU D 178 33.63 22.87 -16.19
CA GLU D 178 34.28 23.69 -17.21
C GLU D 178 33.98 23.16 -18.61
N ASN D 179 33.62 21.88 -18.68
CA ASN D 179 33.31 21.24 -19.96
C ASN D 179 31.81 21.13 -20.24
N LEU D 180 31.00 21.59 -19.29
CA LEU D 180 29.55 21.54 -19.46
C LEU D 180 28.98 22.93 -19.76
N GLU D 183 24.47 26.47 -17.01
CA GLU D 183 23.66 27.67 -17.17
C GLU D 183 23.86 28.61 -15.99
N CYS D 184 24.95 28.42 -15.27
CA CYS D 184 25.22 29.17 -14.06
C CYS D 184 26.72 29.24 -13.79
N SER D 185 27.10 30.03 -12.78
CA SER D 185 28.49 30.05 -12.32
C SER D 185 28.73 28.91 -11.34
N VAL D 186 29.91 28.30 -11.43
CA VAL D 186 30.28 27.24 -10.52
C VAL D 186 31.54 27.63 -9.77
N VAL D 187 31.43 27.73 -8.45
CA VAL D 187 32.51 28.29 -7.63
C VAL D 187 33.00 27.32 -6.55
N VAL D 188 34.32 27.22 -6.41
CA VAL D 188 34.91 26.48 -5.30
C VAL D 188 35.24 27.45 -4.17
N GLY D 189 34.62 27.26 -3.02
CA GLY D 189 34.80 28.16 -1.90
C GLY D 189 34.38 27.61 -0.55
N GLY D 190 34.59 28.41 0.49
CA GLY D 190 34.29 27.99 1.85
C GLY D 190 32.80 27.98 2.16
N THR D 191 32.36 27.04 2.98
CA THR D 191 30.94 26.97 3.30
C THR D 191 30.63 27.00 4.81
N ILE D 192 29.83 27.99 5.21
CA ILE D 192 29.37 28.13 6.58
C ILE D 192 28.25 27.16 6.91
N ALA D 193 28.42 26.43 8.00
CA ALA D 193 27.38 25.57 8.51
C ALA D 193 26.82 26.16 9.80
N ALA D 194 25.53 26.50 9.77
CA ALA D 194 24.85 27.13 10.90
C ALA D 194 23.66 26.31 11.47
N ASN D 195 23.51 26.35 12.79
CA ASN D 195 22.41 25.68 13.53
C ASN D 195 21.14 26.50 13.62
N ASP D 196 20.89 27.33 12.61
CA ASP D 196 19.75 28.26 12.62
C ASP D 196 19.63 28.74 11.20
N PHE D 197 18.44 29.10 10.78
CA PHE D 197 18.29 29.69 9.46
C PHE D 197 18.43 31.21 9.54
N TYR D 198 18.14 31.77 10.70
CA TYR D 198 18.04 33.23 10.84
C TYR D 198 19.16 33.89 11.64
N GLU D 199 19.04 33.89 12.96
CA GLU D 199 19.95 34.67 13.81
C GLU D 199 21.43 34.31 13.70
N GLU D 200 21.77 33.02 13.69
CA GLU D 200 23.17 32.61 13.62
C GLU D 200 23.75 32.76 12.20
N GLN D 201 22.89 32.88 11.20
CA GLN D 201 23.37 33.11 9.84
C GLN D 201 23.42 34.62 9.59
N GLY D 202 23.09 35.40 10.61
CA GLY D 202 23.16 36.85 10.52
C GLY D 202 21.95 37.57 9.93
N ARG D 203 20.82 36.87 9.84
CA ARG D 203 19.59 37.49 9.29
C ARG D 203 19.01 38.52 10.25
N LEU D 204 18.53 39.63 9.68
CA LEU D 204 17.90 40.68 10.48
C LEU D 204 16.39 40.49 10.52
N ASP D 205 15.89 39.56 9.69
CA ASP D 205 14.45 39.41 9.49
C ASP D 205 13.85 38.17 10.18
N GLY D 206 14.46 37.75 11.28
CA GLY D 206 13.89 36.70 12.11
C GLY D 206 12.87 37.28 13.09
N SER D 207 12.33 36.44 13.95
CA SER D 207 11.38 36.88 14.96
C SER D 207 12.11 37.57 16.11
N ILE D 208 13.36 37.20 16.32
CA ILE D 208 14.20 37.81 17.35
C ILE D 208 15.51 38.25 16.73
N CYS D 209 15.92 39.48 17.01
CA CYS D 209 17.19 39.99 16.50
C CYS D 209 17.86 40.93 17.50
N THR D 210 19.10 40.64 17.84
CA THR D 210 19.81 41.39 18.86
C THR D 210 20.97 42.20 18.30
N PHE D 211 21.07 42.26 16.97
CA PHE D 211 22.15 43.01 16.33
C PHE D 211 21.64 43.95 15.25
N SER D 212 22.45 44.95 14.92
CA SER D 212 22.13 45.92 13.89
C SER D 212 22.61 45.43 12.53
N LYS D 213 22.24 46.16 11.48
CA LYS D 213 22.69 45.85 10.13
C LYS D 213 24.21 45.91 10.04
N GLU D 214 24.78 46.97 10.61
CA GLU D 214 26.22 47.17 10.61
C GLU D 214 26.96 45.97 11.21
N GLU D 215 26.40 45.41 12.28
CA GLU D 215 27.03 44.28 12.95
C GLU D 215 26.85 43.00 12.12
N LYS D 216 25.73 42.90 11.41
CA LYS D 216 25.51 41.78 10.49
C LYS D 216 26.56 41.78 9.40
N LEU D 217 26.69 42.90 8.72
CA LEU D 217 27.60 43.03 7.59
C LEU D 217 29.05 42.71 7.95
N ALA D 218 29.52 43.29 9.05
CA ALA D 218 30.89 43.05 9.51
C ALA D 218 31.16 41.57 9.72
N PHE D 219 30.16 40.86 10.25
CA PHE D 219 30.24 39.41 10.44
C PHE D 219 30.34 38.69 9.09
N LEU D 220 29.53 39.14 8.12
CA LEU D 220 29.47 38.51 6.81
C LEU D 220 30.70 38.77 5.95
N GLN D 221 31.17 40.02 5.92
CA GLN D 221 32.35 40.36 5.12
C GLN D 221 33.60 39.66 5.64
N SER D 222 33.78 39.67 6.95
CA SER D 222 34.90 38.98 7.58
C SER D 222 34.90 37.50 7.21
N ALA D 223 33.70 36.93 7.13
CA ALA D 223 33.53 35.57 6.67
C ALA D 223 33.93 35.46 5.21
N TYR D 224 33.42 36.40 4.42
CA TYR D 224 33.71 36.47 3.00
C TYR D 224 35.21 36.61 2.75
N GLU D 225 35.84 37.50 3.52
CA GLU D 225 37.27 37.79 3.37
C GLU D 225 38.12 36.56 3.62
N HIS D 226 37.60 35.63 4.42
CA HIS D 226 38.30 34.39 4.68
C HIS D 226 37.91 33.32 3.66
N GLY D 227 37.20 33.74 2.62
CA GLY D 227 36.96 32.88 1.48
C GLY D 227 35.60 32.20 1.42
N ILE D 228 34.74 32.47 2.41
CA ILE D 228 33.41 31.88 2.44
C ILE D 228 32.57 32.34 1.25
N ARG D 229 31.87 31.40 0.62
CA ARG D 229 31.05 31.70 -0.54
C ARG D 229 29.59 31.35 -0.32
N ASN D 230 29.30 30.57 0.72
CA ASN D 230 27.91 30.26 1.05
C ASN D 230 27.69 29.87 2.51
N MET D 231 26.41 29.77 2.88
CA MET D 231 26.00 29.46 4.24
C MET D 231 24.80 28.54 4.23
N GLU D 232 24.91 27.41 4.92
CA GLU D 232 23.82 26.45 5.04
C GLU D 232 23.84 25.82 6.44
N MET D 233 23.26 24.63 6.59
CA MET D 233 22.99 24.14 7.94
C MET D 233 23.47 22.71 8.28
N GLU D 234 24.13 22.02 7.36
CA GLU D 234 24.54 20.63 7.61
C GLU D 234 25.99 20.29 7.30
N GLY D 235 26.66 21.15 6.52
CA GLY D 235 27.95 20.82 5.92
C GLY D 235 28.98 20.19 6.84
N THR D 236 29.20 20.79 7.99
CA THR D 236 30.18 20.29 8.94
C THR D 236 29.86 18.87 9.44
N ALA D 237 28.58 18.51 9.45
CA ALA D 237 28.17 17.19 9.91
C ALA D 237 28.51 16.11 8.89
N ILE D 238 28.12 16.34 7.64
CA ILE D 238 28.28 15.33 6.60
C ILE D 238 29.74 15.11 6.21
N THR D 239 30.51 16.20 6.10
CA THR D 239 31.89 16.12 5.65
C THR D 239 32.87 15.73 6.76
N SER D 240 32.38 15.68 7.99
CA SER D 240 33.19 15.17 9.09
C SER D 240 32.86 13.70 9.37
N HIS D 241 31.58 13.36 9.29
CA HIS D 241 31.13 12.02 9.63
C HIS D 241 31.59 10.97 8.61
N CYS D 242 31.38 11.27 7.34
CA CYS D 242 31.72 10.33 6.27
C CYS D 242 33.19 9.97 6.28
N TYR D 243 34.06 10.96 6.40
CA TYR D 243 35.49 10.72 6.52
C TYR D 243 35.81 9.82 7.69
N LEU D 244 35.16 10.08 8.83
CA LEU D 244 35.45 9.34 10.05
C LEU D 244 34.97 7.89 9.96
N THR D 245 34.03 7.62 9.07
CA THR D 245 33.52 6.27 8.90
C THR D 245 34.07 5.60 7.63
N GLY D 246 35.14 6.17 7.07
CA GLY D 246 35.83 5.56 5.95
C GLY D 246 35.23 5.82 4.58
N HIS D 247 34.38 6.85 4.48
CA HIS D 247 33.75 7.19 3.21
C HIS D 247 34.14 8.59 2.77
N ARG D 248 33.67 8.99 1.59
CA ARG D 248 33.96 10.31 1.06
C ARG D 248 32.70 11.17 0.96
N ALA D 249 32.87 12.48 1.08
CA ALA D 249 31.74 13.40 1.04
C ALA D 249 32.09 14.73 0.36
N ILE D 250 31.11 15.27 -0.36
CA ILE D 250 31.21 16.60 -0.93
C ILE D 250 29.88 17.32 -0.76
N LEU D 251 29.94 18.66 -0.77
CA LEU D 251 28.73 19.48 -0.85
C LEU D 251 28.67 20.20 -2.17
N VAL D 252 27.55 20.04 -2.87
CA VAL D 252 27.32 20.79 -4.08
C VAL D 252 26.01 21.55 -3.90
N CYS D 253 26.12 22.79 -3.47
CA CYS D 253 24.93 23.56 -3.10
C CYS D 253 24.69 24.76 -4.00
N VAL D 254 23.42 25.01 -4.28
CA VAL D 254 22.97 26.19 -5.00
C VAL D 254 22.69 27.28 -3.95
N THR D 255 22.76 28.54 -4.35
CA THR D 255 22.54 29.66 -3.42
C THR D 255 21.19 30.29 -3.70
N ALA D 256 20.42 30.65 -2.68
CA ALA D 256 19.08 31.16 -2.93
C ALA D 256 18.96 32.67 -2.72
N VAL D 257 20.04 33.31 -2.32
CA VAL D 257 20.04 34.73 -1.99
C VAL D 257 21.47 35.25 -1.78
N ASN D 258 21.67 36.54 -2.05
CA ASN D 258 22.90 37.23 -1.69
C ASN D 258 22.83 37.81 -0.30
N ARG D 259 23.49 37.15 0.64
CA ARG D 259 23.41 37.54 2.04
C ARG D 259 24.15 38.85 2.31
N GLU D 261 23.64 41.27 0.35
CA GLU D 261 22.67 42.21 -0.20
C GLU D 261 21.35 42.21 0.58
N GLY D 262 21.03 41.08 1.21
CA GLY D 262 19.80 40.98 1.97
C GLY D 262 19.61 39.64 2.65
N ASP D 263 18.39 39.40 3.12
CA ASP D 263 18.08 38.21 3.89
C ASP D 263 16.97 37.37 3.27
N GLN D 264 15.91 38.05 2.85
CA GLN D 264 14.72 37.39 2.33
C GLN D 264 14.99 36.56 1.08
N ILE D 265 14.41 35.37 1.01
CA ILE D 265 14.40 34.57 -0.21
C ILE D 265 13.24 35.02 -1.07
N THR D 266 13.51 35.92 -2.02
CA THR D 266 12.46 36.59 -2.78
C THR D 266 12.14 35.94 -4.12
N ILE D 267 13.00 35.02 -4.56
CA ILE D 267 12.77 34.32 -5.81
C ILE D 267 11.50 33.47 -5.72
N SER D 268 10.82 33.29 -6.84
CA SER D 268 9.57 32.53 -6.87
C SER D 268 9.83 31.08 -6.53
N THR D 269 8.75 30.35 -6.23
CA THR D 269 8.84 28.93 -5.90
C THR D 269 9.43 28.15 -7.06
N ASP D 270 9.03 28.50 -8.28
CA ASP D 270 9.47 27.78 -9.47
C ASP D 270 10.93 28.11 -9.82
N GLU D 271 11.30 29.37 -9.66
CA GLU D 271 12.69 29.76 -9.85
C GLU D 271 13.59 29.06 -8.83
N PHE D 272 13.09 28.92 -7.61
CA PHE D 272 13.80 28.20 -6.58
C PHE D 272 13.98 26.73 -6.97
N THR D 273 12.91 26.11 -7.44
CA THR D 273 12.93 24.72 -7.88
C THR D 273 13.98 24.51 -8.97
N LEU D 274 14.03 25.47 -9.89
CA LEU D 274 15.02 25.47 -10.96
C LEU D 274 16.45 25.52 -10.43
N PHE D 275 16.71 26.48 -9.55
CA PHE D 275 18.03 26.62 -8.94
C PHE D 275 18.43 25.34 -8.22
N ALA D 276 17.52 24.79 -7.42
CA ALA D 276 17.81 23.65 -6.57
C ALA D 276 18.09 22.37 -7.35
N GLN D 277 17.82 22.38 -8.66
CA GLN D 277 18.08 21.21 -9.49
C GLN D 277 19.46 21.30 -10.15
N ARG D 278 20.02 22.50 -10.16
CA ARG D 278 21.35 22.73 -10.74
C ARG D 278 22.45 21.88 -10.12
N PRO D 279 22.47 21.71 -8.77
CA PRO D 279 23.46 20.77 -8.25
C PRO D 279 23.30 19.37 -8.82
N GLY D 280 22.06 18.93 -9.00
CA GLY D 280 21.77 17.61 -9.54
C GLY D 280 22.26 17.44 -10.96
N GLN D 281 22.18 18.52 -11.74
CA GLN D 281 22.58 18.49 -13.15
C GLN D 281 24.05 18.16 -13.32
N LEU D 282 24.92 18.90 -12.62
CA LEU D 282 26.35 18.65 -12.64
C LEU D 282 26.68 17.26 -12.10
N VAL D 283 26.07 16.92 -10.97
CA VAL D 283 26.37 15.67 -10.29
C VAL D 283 25.96 14.45 -11.11
N GLY D 284 24.76 14.50 -11.70
CA GLY D 284 24.27 13.41 -12.52
C GLY D 284 25.24 13.01 -13.62
N GLU D 285 25.86 14.00 -14.25
CA GLU D 285 26.86 13.73 -15.27
C GLU D 285 28.11 13.09 -14.65
N TYR D 286 28.52 13.60 -13.49
CA TYR D 286 29.68 13.06 -12.81
C TYR D 286 29.45 11.61 -12.42
N LEU D 287 28.25 11.33 -11.93
CA LEU D 287 27.84 9.96 -11.62
C LEU D 287 27.79 9.14 -12.90
N LYS D 288 27.35 9.77 -13.98
CA LYS D 288 27.24 9.12 -15.27
C LYS D 288 28.61 8.71 -15.81
N ARG D 289 29.61 9.55 -15.57
CA ARG D 289 30.96 9.30 -16.07
C ARG D 289 31.79 8.42 -15.14
N ASN D 290 31.29 8.17 -13.94
CA ASN D 290 32.04 7.38 -12.96
C ASN D 290 31.28 6.17 -12.42
N ASN D 291 30.46 5.56 -13.27
CA ASN D 291 29.83 4.27 -12.99
C ASN D 291 28.84 4.29 -11.83
N GLY D 292 28.13 5.40 -11.68
CA GLY D 292 27.04 5.44 -10.72
C GLY D 292 25.95 4.53 -11.23
N ILE D 293 25.74 4.58 -12.54
CA ILE D 293 24.67 3.83 -13.17
C ILE D 293 25.21 2.83 -14.21
N ILE D 294 24.46 1.76 -14.45
CA ILE D 294 24.88 0.75 -15.40
C ILE D 294 24.69 1.24 -16.84
#